data_8Y76
# 
_entry.id   8Y76 
# 
_audit_conform.dict_name       mmcif_pdbx.dic 
_audit_conform.dict_version    5.404 
_audit_conform.dict_location   http://mmcif.pdb.org/dictionaries/ascii/mmcif_pdbx.dic 
# 
loop_
_database_2.database_id 
_database_2.database_code 
_database_2.pdbx_database_accession 
_database_2.pdbx_DOI 
PDB   8Y76         pdb_00008y76 10.2210/pdb8y76/pdb 
WWPDB D_1300045127 ?            ?                   
# 
loop_
_pdbx_audit_revision_history.ordinal 
_pdbx_audit_revision_history.data_content_type 
_pdbx_audit_revision_history.major_revision 
_pdbx_audit_revision_history.minor_revision 
_pdbx_audit_revision_history.revision_date 
_pdbx_audit_revision_history.part_number 
1 'Structure model' 1 0 2025-02-12 ? 
2 'Structure model' 1 1 2025-09-03 ? 
# 
_pdbx_audit_revision_details.ordinal             1 
_pdbx_audit_revision_details.revision_ordinal    1 
_pdbx_audit_revision_details.data_content_type   'Structure model' 
_pdbx_audit_revision_details.provider            repository 
_pdbx_audit_revision_details.type                'Initial release' 
_pdbx_audit_revision_details.description         ? 
_pdbx_audit_revision_details.details             ? 
# 
_pdbx_audit_revision_group.ordinal             1 
_pdbx_audit_revision_group.revision_ordinal    2 
_pdbx_audit_revision_group.data_content_type   'Structure model' 
_pdbx_audit_revision_group.group               'Database references' 
# 
loop_
_pdbx_audit_revision_category.ordinal 
_pdbx_audit_revision_category.revision_ordinal 
_pdbx_audit_revision_category.data_content_type 
_pdbx_audit_revision_category.category 
1 2 'Structure model' citation        
2 2 'Structure model' citation_author 
# 
loop_
_pdbx_audit_revision_item.ordinal 
_pdbx_audit_revision_item.revision_ordinal 
_pdbx_audit_revision_item.data_content_type 
_pdbx_audit_revision_item.item 
1  2 'Structure model' '_citation.country'                 
2  2 'Structure model' '_citation.journal_abbrev'          
3  2 'Structure model' '_citation.journal_id_ASTM'         
4  2 'Structure model' '_citation.journal_id_CSD'          
5  2 'Structure model' '_citation.journal_id_ISSN'         
6  2 'Structure model' '_citation.journal_volume'          
7  2 'Structure model' '_citation.pdbx_database_id_DOI'    
8  2 'Structure model' '_citation.pdbx_database_id_PubMed' 
9  2 'Structure model' '_citation.title'                   
10 2 'Structure model' '_citation.year'                    
# 
_pdbx_database_status.status_code                     REL 
_pdbx_database_status.status_code_sf                  REL 
_pdbx_database_status.status_code_mr                  ? 
_pdbx_database_status.entry_id                        8Y76 
_pdbx_database_status.recvd_initial_deposition_date   2024-02-04 
_pdbx_database_status.SG_entry                        N 
_pdbx_database_status.deposit_site                    PDBJ 
_pdbx_database_status.process_site                    PDBC 
_pdbx_database_status.status_code_cs                  ? 
_pdbx_database_status.status_code_nmr_data            ? 
_pdbx_database_status.methods_development_category    ? 
_pdbx_database_status.pdb_format_compatible           Y 
# 
_pdbx_contact_author.id                 2 
_pdbx_contact_author.email              wangz@bnu.edu.cn 
_pdbx_contact_author.name_first         Zhanxin 
_pdbx_contact_author.name_last          Wang 
_pdbx_contact_author.name_mi            ? 
_pdbx_contact_author.role               'principal investigator/group leader' 
_pdbx_contact_author.identifier_ORCID   0000-0001-9956-9376 
# 
loop_
_audit_author.name 
_audit_author.pdbx_ordinal 
_audit_author.identifier_ORCID 
'Cao, Y.'  1 0000-0001-7804-1118 
'Wang, Z.' 2 0000-0001-9956-9376 
# 
_citation.abstract                  ? 
_citation.abstract_id_CAS           ? 
_citation.book_id_ISBN              ? 
_citation.book_publisher            ? 
_citation.book_publisher_city       ? 
_citation.book_title                ? 
_citation.coordinate_linkage        ? 
_citation.country                   UK 
_citation.database_id_Medline       ? 
_citation.details                   ? 
_citation.id                        primary 
_citation.journal_abbrev            'Nucleic Acids Res.' 
_citation.journal_id_ASTM           NARHAD 
_citation.journal_id_CSD            0389 
_citation.journal_id_ISSN           1362-4962 
_citation.journal_full              ? 
_citation.journal_issue             ? 
_citation.journal_volume            53 
_citation.language                  ? 
_citation.page_first                ? 
_citation.page_last                 ? 
_citation.title                     
'Cooperation of a polymerizing SAM domain and an intrinsically disordered region enables full SAMD1 function on chromatin.' 
_citation.year                      2025 
_citation.database_id_CSD           ? 
_citation.pdbx_database_id_DOI      10.1093/nar/gkaf259 
_citation.pdbx_database_id_PubMed   40183636 
_citation.pdbx_database_id_patent   ? 
_citation.unpublished_flag          ? 
# 
loop_
_citation_author.citation_id 
_citation_author.name 
_citation_author.ordinal 
_citation_author.identifier_ORCID 
primary 'Geller, M.'  1  ?                   
primary 'Cao, Y.'     2  ?                   
primary 'Simon, C.'   3  ?                   
primary 'Stielow, B.' 4  ?                   
primary 'Xu, J.'      5  ?                   
primary 'Wei, P.'     6  ?                   
primary 'Nist, A.'    7  ?                   
primary 'Rohner, I.'  8  ?                   
primary 'Jeude, L.M.' 9  ?                   
primary 'Huber, T.'   10 ?                   
primary 'Stiewe, T.'  11 0000-0003-0134-7826 
primary 'Wang, Z.'    12 0000-0001-9956-9376 
primary 'Liefke, R.'  13 0000-0002-8549-637X 
# 
loop_
_entity.id 
_entity.type 
_entity.src_method 
_entity.pdbx_description 
_entity.formula_weight 
_entity.pdbx_number_of_molecules 
_entity.pdbx_ec 
_entity.pdbx_mutation 
_entity.pdbx_fragment 
_entity.details 
1 polymer man 'Lethal(3)malignant brain tumor-like protein 3' 7829.042 1  ? ? ? ? 
2 water   nat water                                           18.015   55 ? ? ? ? 
# 
_entity_name_com.entity_id   1 
_entity_name_com.name        'H-l(3)mbt-like protein 3,L(3)mbt-like protein 3,L3mbt-like 3,MBT-1' 
# 
_entity_poly.entity_id                      1 
_entity_poly.type                           'polypeptide(L)' 
_entity_poly.nstd_linkage                   no 
_entity_poly.nstd_monomer                   no 
_entity_poly.pdbx_seq_one_letter_code       SVSKWSTDEVSEFIQSLPGCEEHGKVFKDEQIDGEAFLLMTQTDIVKIMSIKLGPALKIFNSILMFKAAE 
_entity_poly.pdbx_seq_one_letter_code_can   SVSKWSTDEVSEFIQSLPGCEEHGKVFKDEQIDGEAFLLMTQTDIVKIMSIKLGPALKIFNSILMFKAAE 
_entity_poly.pdbx_strand_id                 A 
_entity_poly.pdbx_target_identifier         ? 
# 
_pdbx_entity_nonpoly.entity_id   2 
_pdbx_entity_nonpoly.name        water 
_pdbx_entity_nonpoly.comp_id     HOH 
# 
loop_
_entity_poly_seq.entity_id 
_entity_poly_seq.num 
_entity_poly_seq.mon_id 
_entity_poly_seq.hetero 
1 1  SER n 
1 2  VAL n 
1 3  SER n 
1 4  LYS n 
1 5  TRP n 
1 6  SER n 
1 7  THR n 
1 8  ASP n 
1 9  GLU n 
1 10 VAL n 
1 11 SER n 
1 12 GLU n 
1 13 PHE n 
1 14 ILE n 
1 15 GLN n 
1 16 SER n 
1 17 LEU n 
1 18 PRO n 
1 19 GLY n 
1 20 CYS n 
1 21 GLU n 
1 22 GLU n 
1 23 HIS n 
1 24 GLY n 
1 25 LYS n 
1 26 VAL n 
1 27 PHE n 
1 28 LYS n 
1 29 ASP n 
1 30 GLU n 
1 31 GLN n 
1 32 ILE n 
1 33 ASP n 
1 34 GLY n 
1 35 GLU n 
1 36 ALA n 
1 37 PHE n 
1 38 LEU n 
1 39 LEU n 
1 40 MET n 
1 41 THR n 
1 42 GLN n 
1 43 THR n 
1 44 ASP n 
1 45 ILE n 
1 46 VAL n 
1 47 LYS n 
1 48 ILE n 
1 49 MET n 
1 50 SER n 
1 51 ILE n 
1 52 LYS n 
1 53 LEU n 
1 54 GLY n 
1 55 PRO n 
1 56 ALA n 
1 57 LEU n 
1 58 LYS n 
1 59 ILE n 
1 60 PHE n 
1 61 ASN n 
1 62 SER n 
1 63 ILE n 
1 64 LEU n 
1 65 MET n 
1 66 PHE n 
1 67 LYS n 
1 68 ALA n 
1 69 ALA n 
1 70 GLU n 
# 
_entity_src_gen.entity_id                          1 
_entity_src_gen.pdbx_src_id                        1 
_entity_src_gen.pdbx_alt_source_flag               sample 
_entity_src_gen.pdbx_seq_type                      'Biological sequence' 
_entity_src_gen.pdbx_beg_seq_num                   1 
_entity_src_gen.pdbx_end_seq_num                   70 
_entity_src_gen.gene_src_common_name               human 
_entity_src_gen.gene_src_genus                     ? 
_entity_src_gen.pdbx_gene_src_gene                 'L3MBTL3, KIAA1798, MBT1' 
_entity_src_gen.gene_src_species                   ? 
_entity_src_gen.gene_src_strain                    ? 
_entity_src_gen.gene_src_tissue                    ? 
_entity_src_gen.gene_src_tissue_fraction           ? 
_entity_src_gen.gene_src_details                   ? 
_entity_src_gen.pdbx_gene_src_fragment             ? 
_entity_src_gen.pdbx_gene_src_scientific_name      'Homo sapiens' 
_entity_src_gen.pdbx_gene_src_ncbi_taxonomy_id     9606 
_entity_src_gen.pdbx_gene_src_variant              ? 
_entity_src_gen.pdbx_gene_src_cell_line            ? 
_entity_src_gen.pdbx_gene_src_atcc                 ? 
_entity_src_gen.pdbx_gene_src_organ                ? 
_entity_src_gen.pdbx_gene_src_organelle            ? 
_entity_src_gen.pdbx_gene_src_cell                 ? 
_entity_src_gen.pdbx_gene_src_cellular_location    ? 
_entity_src_gen.host_org_common_name               ? 
_entity_src_gen.pdbx_host_org_scientific_name      'Escherichia coli' 
_entity_src_gen.pdbx_host_org_ncbi_taxonomy_id     562 
_entity_src_gen.host_org_genus                     ? 
_entity_src_gen.pdbx_host_org_gene                 ? 
_entity_src_gen.pdbx_host_org_organ                ? 
_entity_src_gen.host_org_species                   ? 
_entity_src_gen.pdbx_host_org_tissue               ? 
_entity_src_gen.pdbx_host_org_tissue_fraction      ? 
_entity_src_gen.pdbx_host_org_strain               ? 
_entity_src_gen.pdbx_host_org_variant              ? 
_entity_src_gen.pdbx_host_org_cell_line            ? 
_entity_src_gen.pdbx_host_org_atcc                 ? 
_entity_src_gen.pdbx_host_org_culture_collection   ? 
_entity_src_gen.pdbx_host_org_cell                 ? 
_entity_src_gen.pdbx_host_org_organelle            ? 
_entity_src_gen.pdbx_host_org_cellular_location    ? 
_entity_src_gen.pdbx_host_org_vector_type          ? 
_entity_src_gen.pdbx_host_org_vector               ? 
_entity_src_gen.host_org_details                   ? 
_entity_src_gen.expression_system_id               ? 
_entity_src_gen.plasmid_name                       ? 
_entity_src_gen.plasmid_details                    ? 
_entity_src_gen.pdbx_description                   ? 
# 
loop_
_chem_comp.id 
_chem_comp.type 
_chem_comp.mon_nstd_flag 
_chem_comp.name 
_chem_comp.pdbx_synonyms 
_chem_comp.formula 
_chem_comp.formula_weight 
ALA 'L-peptide linking' y ALANINE         ? 'C3 H7 N O2'     89.093  
ASN 'L-peptide linking' y ASPARAGINE      ? 'C4 H8 N2 O3'    132.118 
ASP 'L-peptide linking' y 'ASPARTIC ACID' ? 'C4 H7 N O4'     133.103 
CYS 'L-peptide linking' y CYSTEINE        ? 'C3 H7 N O2 S'   121.158 
GLN 'L-peptide linking' y GLUTAMINE       ? 'C5 H10 N2 O3'   146.144 
GLU 'L-peptide linking' y 'GLUTAMIC ACID' ? 'C5 H9 N O4'     147.129 
GLY 'peptide linking'   y GLYCINE         ? 'C2 H5 N O2'     75.067  
HIS 'L-peptide linking' y HISTIDINE       ? 'C6 H10 N3 O2 1' 156.162 
HOH non-polymer         . WATER           ? 'H2 O'           18.015  
ILE 'L-peptide linking' y ISOLEUCINE      ? 'C6 H13 N O2'    131.173 
LEU 'L-peptide linking' y LEUCINE         ? 'C6 H13 N O2'    131.173 
LYS 'L-peptide linking' y LYSINE          ? 'C6 H15 N2 O2 1' 147.195 
MET 'L-peptide linking' y METHIONINE      ? 'C5 H11 N O2 S'  149.211 
PHE 'L-peptide linking' y PHENYLALANINE   ? 'C9 H11 N O2'    165.189 
PRO 'L-peptide linking' y PROLINE         ? 'C5 H9 N O2'     115.130 
SER 'L-peptide linking' y SERINE          ? 'C3 H7 N O3'     105.093 
THR 'L-peptide linking' y THREONINE       ? 'C4 H9 N O3'     119.119 
TRP 'L-peptide linking' y TRYPTOPHAN      ? 'C11 H12 N2 O2'  204.225 
VAL 'L-peptide linking' y VALINE          ? 'C5 H11 N O2'    117.146 
# 
loop_
_pdbx_poly_seq_scheme.asym_id 
_pdbx_poly_seq_scheme.entity_id 
_pdbx_poly_seq_scheme.seq_id 
_pdbx_poly_seq_scheme.mon_id 
_pdbx_poly_seq_scheme.ndb_seq_num 
_pdbx_poly_seq_scheme.pdb_seq_num 
_pdbx_poly_seq_scheme.auth_seq_num 
_pdbx_poly_seq_scheme.pdb_mon_id 
_pdbx_poly_seq_scheme.auth_mon_id 
_pdbx_poly_seq_scheme.pdb_strand_id 
_pdbx_poly_seq_scheme.pdb_ins_code 
_pdbx_poly_seq_scheme.hetero 
A 1 1  SER 1  458 458 SER SER A . n 
A 1 2  VAL 2  459 459 VAL VAL A . n 
A 1 3  SER 3  460 460 SER SER A . n 
A 1 4  LYS 4  461 461 LYS LYS A . n 
A 1 5  TRP 5  462 462 TRP TRP A . n 
A 1 6  SER 6  463 463 SER SER A . n 
A 1 7  THR 7  464 464 THR THR A . n 
A 1 8  ASP 8  465 465 ASP ASP A . n 
A 1 9  GLU 9  466 466 GLU GLU A . n 
A 1 10 VAL 10 467 467 VAL VAL A . n 
A 1 11 SER 11 468 468 SER SER A . n 
A 1 12 GLU 12 469 469 GLU GLU A . n 
A 1 13 PHE 13 470 470 PHE PHE A . n 
A 1 14 ILE 14 471 471 ILE ILE A . n 
A 1 15 GLN 15 472 472 GLN GLN A . n 
A 1 16 SER 16 473 473 SER SER A . n 
A 1 17 LEU 17 474 474 LEU LEU A . n 
A 1 18 PRO 18 475 475 PRO PRO A . n 
A 1 19 GLY 19 476 476 GLY GLY A . n 
A 1 20 CYS 20 477 477 CYS CYS A . n 
A 1 21 GLU 21 478 478 GLU GLU A . n 
A 1 22 GLU 22 479 479 GLU GLU A . n 
A 1 23 HIS 23 480 480 HIS HIS A . n 
A 1 24 GLY 24 481 481 GLY GLY A . n 
A 1 25 LYS 25 482 482 LYS LYS A . n 
A 1 26 VAL 26 483 483 VAL VAL A . n 
A 1 27 PHE 27 484 484 PHE PHE A . n 
A 1 28 LYS 28 485 485 LYS LYS A . n 
A 1 29 ASP 29 486 486 ASP ASP A . n 
A 1 30 GLU 30 487 487 GLU GLU A . n 
A 1 31 GLN 31 488 488 GLN GLN A . n 
A 1 32 ILE 32 489 489 ILE ILE A . n 
A 1 33 ASP 33 490 490 ASP ASP A . n 
A 1 34 GLY 34 491 491 GLY GLY A . n 
A 1 35 GLU 35 492 492 GLU GLU A . n 
A 1 36 ALA 36 493 493 ALA ALA A . n 
A 1 37 PHE 37 494 494 PHE PHE A . n 
A 1 38 LEU 38 495 495 LEU LEU A . n 
A 1 39 LEU 39 496 496 LEU LEU A . n 
A 1 40 MET 40 497 497 MET MET A . n 
A 1 41 THR 41 498 498 THR THR A . n 
A 1 42 GLN 42 499 499 GLN GLN A . n 
A 1 43 THR 43 500 500 THR THR A . n 
A 1 44 ASP 44 501 501 ASP ASP A . n 
A 1 45 ILE 45 502 502 ILE ILE A . n 
A 1 46 VAL 46 503 503 VAL VAL A . n 
A 1 47 LYS 47 504 504 LYS LYS A . n 
A 1 48 ILE 48 505 505 ILE ILE A . n 
A 1 49 MET 49 506 506 MET MET A . n 
A 1 50 SER 50 507 507 SER SER A . n 
A 1 51 ILE 51 508 508 ILE ILE A . n 
A 1 52 LYS 52 509 509 LYS LYS A . n 
A 1 53 LEU 53 510 510 LEU LEU A . n 
A 1 54 GLY 54 511 511 GLY GLY A . n 
A 1 55 PRO 55 512 512 PRO PRO A . n 
A 1 56 ALA 56 513 513 ALA ALA A . n 
A 1 57 LEU 57 514 514 LEU LEU A . n 
A 1 58 LYS 58 515 515 LYS LYS A . n 
A 1 59 ILE 59 516 516 ILE ILE A . n 
A 1 60 PHE 60 517 517 PHE PHE A . n 
A 1 61 ASN 61 518 518 ASN ASN A . n 
A 1 62 SER 62 519 519 SER SER A . n 
A 1 63 ILE 63 520 520 ILE ILE A . n 
A 1 64 LEU 64 521 521 LEU LEU A . n 
A 1 65 MET 65 522 522 MET MET A . n 
A 1 66 PHE 66 523 523 PHE PHE A . n 
A 1 67 LYS 67 524 524 LYS LYS A . n 
A 1 68 ALA 68 525 525 ALA ALA A . n 
A 1 69 ALA 69 526 526 ALA ALA A . n 
A 1 70 GLU 70 527 527 GLU GLU A . n 
# 
loop_
_pdbx_nonpoly_scheme.asym_id 
_pdbx_nonpoly_scheme.entity_id 
_pdbx_nonpoly_scheme.mon_id 
_pdbx_nonpoly_scheme.ndb_seq_num 
_pdbx_nonpoly_scheme.pdb_seq_num 
_pdbx_nonpoly_scheme.auth_seq_num 
_pdbx_nonpoly_scheme.pdb_mon_id 
_pdbx_nonpoly_scheme.auth_mon_id 
_pdbx_nonpoly_scheme.pdb_strand_id 
_pdbx_nonpoly_scheme.pdb_ins_code 
B 2 HOH 1  601 24 HOH HOH A . 
B 2 HOH 2  602 26 HOH HOH A . 
B 2 HOH 3  603 3  HOH HOH A . 
B 2 HOH 4  604 20 HOH HOH A . 
B 2 HOH 5  605 7  HOH HOH A . 
B 2 HOH 6  606 39 HOH HOH A . 
B 2 HOH 7  607 34 HOH HOH A . 
B 2 HOH 8  608 47 HOH HOH A . 
B 2 HOH 9  609 30 HOH HOH A . 
B 2 HOH 10 610 6  HOH HOH A . 
B 2 HOH 11 611 37 HOH HOH A . 
B 2 HOH 12 612 40 HOH HOH A . 
B 2 HOH 13 613 43 HOH HOH A . 
B 2 HOH 14 614 2  HOH HOH A . 
B 2 HOH 15 615 16 HOH HOH A . 
B 2 HOH 16 616 31 HOH HOH A . 
B 2 HOH 17 617 14 HOH HOH A . 
B 2 HOH 18 618 18 HOH HOH A . 
B 2 HOH 19 619 44 HOH HOH A . 
B 2 HOH 20 620 10 HOH HOH A . 
B 2 HOH 21 621 8  HOH HOH A . 
B 2 HOH 22 622 50 HOH HOH A . 
B 2 HOH 23 623 35 HOH HOH A . 
B 2 HOH 24 624 1  HOH HOH A . 
B 2 HOH 25 625 5  HOH HOH A . 
B 2 HOH 26 626 25 HOH HOH A . 
B 2 HOH 27 627 11 HOH HOH A . 
B 2 HOH 28 628 15 HOH HOH A . 
B 2 HOH 29 629 48 HOH HOH A . 
B 2 HOH 30 630 33 HOH HOH A . 
B 2 HOH 31 631 38 HOH HOH A . 
B 2 HOH 32 632 29 HOH HOH A . 
B 2 HOH 33 633 22 HOH HOH A . 
B 2 HOH 34 634 41 HOH HOH A . 
B 2 HOH 35 635 36 HOH HOH A . 
B 2 HOH 36 636 42 HOH HOH A . 
B 2 HOH 37 637 13 HOH HOH A . 
B 2 HOH 38 638 12 HOH HOH A . 
B 2 HOH 39 639 17 HOH HOH A . 
B 2 HOH 40 640 49 HOH HOH A . 
B 2 HOH 41 641 27 HOH HOH A . 
B 2 HOH 42 642 28 HOH HOH A . 
B 2 HOH 43 643 55 HOH HOH A . 
B 2 HOH 44 644 19 HOH HOH A . 
B 2 HOH 45 645 4  HOH HOH A . 
B 2 HOH 46 646 46 HOH HOH A . 
B 2 HOH 47 647 23 HOH HOH A . 
B 2 HOH 48 648 32 HOH HOH A . 
B 2 HOH 49 649 21 HOH HOH A . 
B 2 HOH 50 650 51 HOH HOH A . 
B 2 HOH 51 651 54 HOH HOH A . 
B 2 HOH 52 652 53 HOH HOH A . 
B 2 HOH 53 653 9  HOH HOH A . 
B 2 HOH 54 654 45 HOH HOH A . 
B 2 HOH 55 655 52 HOH HOH A . 
# 
loop_
_software.citation_id 
_software.classification 
_software.compiler_name 
_software.compiler_version 
_software.contact_author 
_software.contact_author_email 
_software.date 
_software.description 
_software.dependencies 
_software.hardware 
_software.language 
_software.location 
_software.mods 
_software.name 
_software.os 
_software.os_version 
_software.type 
_software.version 
_software.pdbx_ordinal 
? refinement       ? ? ? ? ? ? ? ? ? ? ? PHENIX   ? ? ? 1.13_2998 1 
? refinement       ? ? ? ? ? ? ? ? ? ? ? PHENIX   ? ? ? 1.13_2998 2 
? 'data reduction' ? ? ? ? ? ? ? ? ? ? ? HKL-3000 ? ? ? .         3 
? 'data scaling'   ? ? ? ? ? ? ? ? ? ? ? HKL-2000 ? ? ? .         4 
? phasing          ? ? ? ? ? ? ? ? ? ? ? PHENIX   ? ? ? .         5 
# 
_cell.angle_alpha                  90.000 
_cell.angle_alpha_esd              ? 
_cell.angle_beta                   90.000 
_cell.angle_beta_esd               ? 
_cell.angle_gamma                  120.000 
_cell.angle_gamma_esd              ? 
_cell.entry_id                     8Y76 
_cell.details                      ? 
_cell.formula_units_Z              ? 
_cell.length_a                     51.820 
_cell.length_a_esd                 ? 
_cell.length_b                     51.820 
_cell.length_b_esd                 ? 
_cell.length_c                     49.834 
_cell.length_c_esd                 ? 
_cell.volume                       115891.397 
_cell.volume_esd                   ? 
_cell.Z_PDB                        6 
_cell.reciprocal_angle_alpha       ? 
_cell.reciprocal_angle_beta        ? 
_cell.reciprocal_angle_gamma       ? 
_cell.reciprocal_angle_alpha_esd   ? 
_cell.reciprocal_angle_beta_esd    ? 
_cell.reciprocal_angle_gamma_esd   ? 
_cell.reciprocal_length_a          ? 
_cell.reciprocal_length_b          ? 
_cell.reciprocal_length_c          ? 
_cell.reciprocal_length_a_esd      ? 
_cell.reciprocal_length_b_esd      ? 
_cell.reciprocal_length_c_esd      ? 
_cell.pdbx_unique_axis             ? 
_cell.pdbx_esd_method              ? 
# 
_symmetry.entry_id                         8Y76 
_symmetry.cell_setting                     ? 
_symmetry.Int_Tables_number                170 
_symmetry.space_group_name_Hall            'P 65' 
_symmetry.space_group_name_H-M             'P 65' 
_symmetry.pdbx_full_space_group_name_H-M   ? 
# 
_exptl.absorpt_coefficient_mu     ? 
_exptl.absorpt_correction_T_max   ? 
_exptl.absorpt_correction_T_min   ? 
_exptl.absorpt_correction_type    ? 
_exptl.absorpt_process_details    ? 
_exptl.entry_id                   8Y76 
_exptl.crystals_number            1 
_exptl.details                    ? 
_exptl.method                     'X-RAY DIFFRACTION' 
_exptl.method_details             ? 
# 
_exptl_crystal.colour                       ? 
_exptl_crystal.density_diffrn               ? 
_exptl_crystal.density_Matthews             2.47 
_exptl_crystal.density_method               ? 
_exptl_crystal.density_percent_sol          50.14 
_exptl_crystal.description                  ? 
_exptl_crystal.F_000                        ? 
_exptl_crystal.id                           1 
_exptl_crystal.preparation                  ? 
_exptl_crystal.size_max                     ? 
_exptl_crystal.size_mid                     ? 
_exptl_crystal.size_min                     ? 
_exptl_crystal.size_rad                     ? 
_exptl_crystal.colour_lustre                ? 
_exptl_crystal.colour_modifier              ? 
_exptl_crystal.colour_primary               ? 
_exptl_crystal.density_meas                 ? 
_exptl_crystal.density_meas_esd             ? 
_exptl_crystal.density_meas_gt              ? 
_exptl_crystal.density_meas_lt              ? 
_exptl_crystal.density_meas_temp            ? 
_exptl_crystal.density_meas_temp_esd        ? 
_exptl_crystal.density_meas_temp_gt         ? 
_exptl_crystal.density_meas_temp_lt         ? 
_exptl_crystal.pdbx_crystal_image_url       ? 
_exptl_crystal.pdbx_crystal_image_format    ? 
_exptl_crystal.pdbx_mosaicity               ? 
_exptl_crystal.pdbx_mosaicity_esd           ? 
_exptl_crystal.pdbx_mosaic_method           ? 
_exptl_crystal.pdbx_mosaic_block_size       ? 
_exptl_crystal.pdbx_mosaic_block_size_esd   ? 
# 
_exptl_crystal_grow.apparatus       ? 
_exptl_crystal_grow.atmosphere      ? 
_exptl_crystal_grow.crystal_id      1 
_exptl_crystal_grow.details         ? 
_exptl_crystal_grow.method          'VAPOR DIFFUSION, HANGING DROP' 
_exptl_crystal_grow.method_ref      ? 
_exptl_crystal_grow.pH              ? 
_exptl_crystal_grow.pressure        ? 
_exptl_crystal_grow.pressure_esd    ? 
_exptl_crystal_grow.seeding         ? 
_exptl_crystal_grow.seeding_ref     ? 
_exptl_crystal_grow.temp_details    ? 
_exptl_crystal_grow.temp_esd        ? 
_exptl_crystal_grow.time            ? 
_exptl_crystal_grow.pdbx_details    
'0.4 M Sodium malonate pH 6.0, 0.1 M MES monohydrate pH 6.0 and 0.5%(w/v) Polyethylene glycol 10000' 
_exptl_crystal_grow.pdbx_pH_range   ? 
_exptl_crystal_grow.temp            293 
# 
_diffrn.ambient_environment              ? 
_diffrn.ambient_temp                     80 
_diffrn.ambient_temp_details             ? 
_diffrn.ambient_temp_esd                 ? 
_diffrn.crystal_id                       1 
_diffrn.crystal_support                  ? 
_diffrn.crystal_treatment                ? 
_diffrn.details                          ? 
_diffrn.id                               1 
_diffrn.ambient_pressure                 ? 
_diffrn.ambient_pressure_esd             ? 
_diffrn.ambient_pressure_gt              ? 
_diffrn.ambient_pressure_lt              ? 
_diffrn.ambient_temp_gt                  ? 
_diffrn.ambient_temp_lt                  ? 
_diffrn.pdbx_serial_crystal_experiment   N 
# 
_diffrn_detector.details                      ? 
_diffrn_detector.detector                     PIXEL 
_diffrn_detector.diffrn_id                    1 
_diffrn_detector.type                         'DECTRIS PILATUS3 6M' 
_diffrn_detector.area_resol_mean              ? 
_diffrn_detector.dtime                        ? 
_diffrn_detector.pdbx_frames_total            ? 
_diffrn_detector.pdbx_collection_time_total   ? 
_diffrn_detector.pdbx_collection_date         2021-05-06 
_diffrn_detector.pdbx_frequency               ? 
_diffrn_detector.id                           ? 
_diffrn_detector.number_of_axes               ? 
# 
_diffrn_radiation.collimation                      ? 
_diffrn_radiation.diffrn_id                        1 
_diffrn_radiation.filter_edge                      ? 
_diffrn_radiation.inhomogeneity                    ? 
_diffrn_radiation.monochromator                    ? 
_diffrn_radiation.polarisn_norm                    ? 
_diffrn_radiation.polarisn_ratio                   ? 
_diffrn_radiation.probe                            ? 
_diffrn_radiation.type                             ? 
_diffrn_radiation.xray_symbol                      ? 
_diffrn_radiation.wavelength_id                    1 
_diffrn_radiation.pdbx_monochromatic_or_laue_m_l   M 
_diffrn_radiation.pdbx_wavelength_list             ? 
_diffrn_radiation.pdbx_wavelength                  ? 
_diffrn_radiation.pdbx_diffrn_protocol             'SINGLE WAVELENGTH' 
_diffrn_radiation.pdbx_analyzer                    ? 
_diffrn_radiation.pdbx_scattering_type             x-ray 
# 
_diffrn_radiation_wavelength.id           1 
_diffrn_radiation_wavelength.wavelength   0.97853 
_diffrn_radiation_wavelength.wt           1.0 
# 
_diffrn_source.current                     ? 
_diffrn_source.details                     ? 
_diffrn_source.diffrn_id                   1 
_diffrn_source.power                       ? 
_diffrn_source.size                        ? 
_diffrn_source.source                      SYNCHROTRON 
_diffrn_source.target                      ? 
_diffrn_source.type                        'SSRF BEAMLINE BL19U1' 
_diffrn_source.voltage                     ? 
_diffrn_source.take-off_angle              ? 
_diffrn_source.pdbx_wavelength_list        0.97853 
_diffrn_source.pdbx_wavelength             ? 
_diffrn_source.pdbx_synchrotron_beamline   BL19U1 
_diffrn_source.pdbx_synchrotron_site       SSRF 
# 
_reflns.B_iso_Wilson_estimate                          24.13 
_reflns.entry_id                                       8Y76 
_reflns.data_reduction_details                         ? 
_reflns.data_reduction_method                          ? 
_reflns.d_resolution_high                              1.99 
_reflns.d_resolution_low                               50 
_reflns.details                                        ? 
_reflns.limit_h_max                                    ? 
_reflns.limit_h_min                                    ? 
_reflns.limit_k_max                                    ? 
_reflns.limit_k_min                                    ? 
_reflns.limit_l_max                                    ? 
_reflns.limit_l_min                                    ? 
_reflns.number_all                                     ? 
_reflns.number_obs                                     5315 
_reflns.observed_criterion                             ? 
_reflns.observed_criterion_F_max                       ? 
_reflns.observed_criterion_F_min                       ? 
_reflns.observed_criterion_I_max                       ? 
_reflns.observed_criterion_I_min                       ? 
_reflns.observed_criterion_sigma_F                     ? 
_reflns.observed_criterion_sigma_I                     ? 
_reflns.percent_possible_obs                           100 
_reflns.R_free_details                                 ? 
_reflns.Rmerge_F_all                                   ? 
_reflns.Rmerge_F_obs                                   ? 
_reflns.Friedel_coverage                               ? 
_reflns.number_gt                                      ? 
_reflns.threshold_expression                           ? 
_reflns.pdbx_redundancy                                19.6 
_reflns.pdbx_netI_over_av_sigmaI                       ? 
_reflns.pdbx_netI_over_sigmaI                          30.6 
_reflns.pdbx_res_netI_over_av_sigmaI_2                 ? 
_reflns.pdbx_res_netI_over_sigmaI_2                    ? 
_reflns.pdbx_chi_squared                               ? 
_reflns.pdbx_scaling_rejects                           ? 
_reflns.pdbx_d_res_high_opt                            ? 
_reflns.pdbx_d_res_low_opt                             ? 
_reflns.pdbx_d_res_opt_method                          ? 
_reflns.phase_calculation_details                      ? 
_reflns.pdbx_Rrim_I_all                                ? 
_reflns.pdbx_Rpim_I_all                                ? 
_reflns.pdbx_d_opt                                     ? 
_reflns.pdbx_number_measured_all                       ? 
_reflns.pdbx_diffrn_id                                 1 
_reflns.pdbx_ordinal                                   1 
_reflns.pdbx_CC_half                                   ? 
_reflns.pdbx_CC_star                                   ? 
_reflns.pdbx_R_split                                   ? 
_reflns.pdbx_Rmerge_I_obs                              0.137 
_reflns.pdbx_Rmerge_I_all                              ? 
_reflns.pdbx_Rsym_value                                ? 
_reflns.pdbx_CC_split_method                           ? 
_reflns.pdbx_aniso_diffraction_limit_axis_1_ortho[1]   ? 
_reflns.pdbx_aniso_diffraction_limit_axis_1_ortho[2]   ? 
_reflns.pdbx_aniso_diffraction_limit_axis_1_ortho[3]   ? 
_reflns.pdbx_aniso_diffraction_limit_axis_2_ortho[1]   ? 
_reflns.pdbx_aniso_diffraction_limit_axis_2_ortho[2]   ? 
_reflns.pdbx_aniso_diffraction_limit_axis_2_ortho[3]   ? 
_reflns.pdbx_aniso_diffraction_limit_axis_3_ortho[1]   ? 
_reflns.pdbx_aniso_diffraction_limit_axis_3_ortho[2]   ? 
_reflns.pdbx_aniso_diffraction_limit_axis_3_ortho[3]   ? 
_reflns.pdbx_aniso_diffraction_limit_1                 ? 
_reflns.pdbx_aniso_diffraction_limit_2                 ? 
_reflns.pdbx_aniso_diffraction_limit_3                 ? 
_reflns.pdbx_aniso_B_tensor_eigenvector_1_ortho[1]     ? 
_reflns.pdbx_aniso_B_tensor_eigenvector_1_ortho[2]     ? 
_reflns.pdbx_aniso_B_tensor_eigenvector_1_ortho[3]     ? 
_reflns.pdbx_aniso_B_tensor_eigenvector_2_ortho[1]     ? 
_reflns.pdbx_aniso_B_tensor_eigenvector_2_ortho[2]     ? 
_reflns.pdbx_aniso_B_tensor_eigenvector_2_ortho[3]     ? 
_reflns.pdbx_aniso_B_tensor_eigenvector_3_ortho[1]     ? 
_reflns.pdbx_aniso_B_tensor_eigenvector_3_ortho[2]     ? 
_reflns.pdbx_aniso_B_tensor_eigenvector_3_ortho[3]     ? 
_reflns.pdbx_aniso_B_tensor_eigenvalue_1               ? 
_reflns.pdbx_aniso_B_tensor_eigenvalue_2               ? 
_reflns.pdbx_aniso_B_tensor_eigenvalue_3               ? 
_reflns.pdbx_orthogonalization_convention              ? 
_reflns.pdbx_percent_possible_ellipsoidal              ? 
_reflns.pdbx_percent_possible_spherical                ? 
_reflns.pdbx_percent_possible_ellipsoidal_anomalous    ? 
_reflns.pdbx_percent_possible_spherical_anomalous      ? 
_reflns.pdbx_redundancy_anomalous                      ? 
_reflns.pdbx_CC_half_anomalous                         ? 
_reflns.pdbx_absDiff_over_sigma_anomalous              ? 
_reflns.pdbx_percent_possible_anomalous                ? 
_reflns.pdbx_observed_signal_threshold                 ? 
_reflns.pdbx_signal_type                               ? 
_reflns.pdbx_signal_details                            ? 
_reflns.pdbx_signal_software_id                        ? 
# 
_reflns_shell.d_res_high                                    1.99 
_reflns_shell.d_res_low                                     2.02 
_reflns_shell.meanI_over_sigI_all                           ? 
_reflns_shell.meanI_over_sigI_obs                           ? 
_reflns_shell.number_measured_all                           ? 
_reflns_shell.number_measured_obs                           ? 
_reflns_shell.number_possible                               ? 
_reflns_shell.number_unique_all                             ? 
_reflns_shell.number_unique_obs                             252 
_reflns_shell.percent_possible_obs                          ? 
_reflns_shell.Rmerge_F_all                                  ? 
_reflns_shell.Rmerge_F_obs                                  ? 
_reflns_shell.meanI_over_sigI_gt                            ? 
_reflns_shell.meanI_over_uI_all                             ? 
_reflns_shell.meanI_over_uI_gt                              ? 
_reflns_shell.number_measured_gt                            ? 
_reflns_shell.number_unique_gt                              ? 
_reflns_shell.percent_possible_gt                           ? 
_reflns_shell.Rmerge_F_gt                                   ? 
_reflns_shell.Rmerge_I_gt                                   ? 
_reflns_shell.pdbx_redundancy                               ? 
_reflns_shell.pdbx_chi_squared                              ? 
_reflns_shell.pdbx_netI_over_sigmaI_all                     ? 
_reflns_shell.pdbx_netI_over_sigmaI_obs                     ? 
_reflns_shell.pdbx_Rrim_I_all                               ? 
_reflns_shell.pdbx_Rpim_I_all                               ? 
_reflns_shell.pdbx_rejects                                  ? 
_reflns_shell.pdbx_ordinal                                  1 
_reflns_shell.pdbx_diffrn_id                                1 
_reflns_shell.pdbx_CC_half                                  ? 
_reflns_shell.pdbx_CC_star                                  ? 
_reflns_shell.pdbx_R_split                                  ? 
_reflns_shell.percent_possible_all                          ? 
_reflns_shell.Rmerge_I_all                                  ? 
_reflns_shell.Rmerge_I_obs                                  0.719 
_reflns_shell.pdbx_Rsym_value                               ? 
_reflns_shell.pdbx_percent_possible_ellipsoidal             ? 
_reflns_shell.pdbx_percent_possible_spherical               ? 
_reflns_shell.pdbx_percent_possible_ellipsoidal_anomalous   ? 
_reflns_shell.pdbx_percent_possible_spherical_anomalous     ? 
_reflns_shell.pdbx_redundancy_anomalous                     ? 
_reflns_shell.pdbx_CC_half_anomalous                        ? 
_reflns_shell.pdbx_absDiff_over_sigma_anomalous             ? 
_reflns_shell.pdbx_percent_possible_anomalous               ? 
# 
_refine.aniso_B[1][1]                            ? 
_refine.aniso_B[1][2]                            ? 
_refine.aniso_B[1][3]                            ? 
_refine.aniso_B[2][2]                            ? 
_refine.aniso_B[2][3]                            ? 
_refine.aniso_B[3][3]                            ? 
_refine.B_iso_max                                ? 
_refine.B_iso_mean                               24.85 
_refine.B_iso_min                                ? 
_refine.correlation_coeff_Fo_to_Fc               ? 
_refine.correlation_coeff_Fo_to_Fc_free          ? 
_refine.details                                  ? 
_refine.diff_density_max                         ? 
_refine.diff_density_max_esd                     ? 
_refine.diff_density_min                         ? 
_refine.diff_density_min_esd                     ? 
_refine.diff_density_rms                         ? 
_refine.diff_density_rms_esd                     ? 
_refine.entry_id                                 8Y76 
_refine.pdbx_refine_id                           'X-RAY DIFFRACTION' 
_refine.ls_abs_structure_details                 ? 
_refine.ls_abs_structure_Flack                   ? 
_refine.ls_abs_structure_Flack_esd               ? 
_refine.ls_abs_structure_Rogers                  ? 
_refine.ls_abs_structure_Rogers_esd              ? 
_refine.ls_d_res_high                            1.99 
_refine.ls_d_res_low                             25.91 
_refine.ls_extinction_coef                       ? 
_refine.ls_extinction_coef_esd                   ? 
_refine.ls_extinction_expression                 ? 
_refine.ls_extinction_method                     ? 
_refine.ls_goodness_of_fit_all                   ? 
_refine.ls_goodness_of_fit_all_esd               ? 
_refine.ls_goodness_of_fit_obs                   ? 
_refine.ls_goodness_of_fit_obs_esd               ? 
_refine.ls_hydrogen_treatment                    ? 
_refine.ls_matrix_type                           ? 
_refine.ls_number_constraints                    ? 
_refine.ls_number_parameters                     ? 
_refine.ls_number_reflns_all                     ? 
_refine.ls_number_reflns_obs                     5284 
_refine.ls_number_reflns_R_free                  303 
_refine.ls_number_reflns_R_work                  4981 
_refine.ls_number_restraints                     ? 
_refine.ls_percent_reflns_obs                    99.85 
_refine.ls_percent_reflns_R_free                 5.73 
_refine.ls_R_factor_all                          ? 
_refine.ls_R_factor_obs                          0.1719 
_refine.ls_R_factor_R_free                       0.2265 
_refine.ls_R_factor_R_free_error                 ? 
_refine.ls_R_factor_R_free_error_details         ? 
_refine.ls_R_factor_R_work                       0.1688 
_refine.ls_R_Fsqd_factor_obs                     ? 
_refine.ls_R_I_factor_obs                        ? 
_refine.ls_redundancy_reflns_all                 ? 
_refine.ls_redundancy_reflns_obs                 ? 
_refine.ls_restrained_S_all                      ? 
_refine.ls_restrained_S_obs                      ? 
_refine.ls_shift_over_esd_max                    ? 
_refine.ls_shift_over_esd_mean                   ? 
_refine.ls_structure_factor_coef                 ? 
_refine.ls_weighting_details                     ? 
_refine.ls_weighting_scheme                      ? 
_refine.ls_wR_factor_all                         ? 
_refine.ls_wR_factor_obs                         ? 
_refine.ls_wR_factor_R_free                      ? 
_refine.ls_wR_factor_R_work                      ? 
_refine.occupancy_max                            ? 
_refine.occupancy_min                            ? 
_refine.solvent_model_details                    'FLAT BULK SOLVENT MODEL' 
_refine.solvent_model_param_bsol                 ? 
_refine.solvent_model_param_ksol                 ? 
_refine.pdbx_R_complete                          ? 
_refine.ls_R_factor_gt                           ? 
_refine.ls_goodness_of_fit_gt                    ? 
_refine.ls_goodness_of_fit_ref                   ? 
_refine.ls_shift_over_su_max                     ? 
_refine.ls_shift_over_su_max_lt                  ? 
_refine.ls_shift_over_su_mean                    ? 
_refine.ls_shift_over_su_mean_lt                 ? 
_refine.pdbx_ls_sigma_I                          ? 
_refine.pdbx_ls_sigma_F                          1.37 
_refine.pdbx_ls_sigma_Fsqd                       ? 
_refine.pdbx_data_cutoff_high_absF               ? 
_refine.pdbx_data_cutoff_high_rms_absF           ? 
_refine.pdbx_data_cutoff_low_absF                ? 
_refine.pdbx_isotropic_thermal_model             ? 
_refine.pdbx_ls_cross_valid_method               'FREE R-VALUE' 
_refine.pdbx_method_to_determine_struct          'MOLECULAR REPLACEMENT' 
_refine.pdbx_starting_model                      ? 
_refine.pdbx_stereochemistry_target_values       'GeoStd + Monomer Library' 
_refine.pdbx_R_Free_selection_details            ? 
_refine.pdbx_stereochem_target_val_spec_case     ? 
_refine.pdbx_overall_ESU_R                       ? 
_refine.pdbx_overall_ESU_R_Free                  ? 
_refine.pdbx_solvent_vdw_probe_radii             1.1100 
_refine.pdbx_solvent_ion_probe_radii             ? 
_refine.pdbx_solvent_shrinkage_radii             0.9000 
_refine.pdbx_real_space_R                        ? 
_refine.pdbx_density_correlation                 ? 
_refine.pdbx_pd_number_of_powder_patterns        ? 
_refine.pdbx_pd_number_of_points                 ? 
_refine.pdbx_pd_meas_number_of_points            ? 
_refine.pdbx_pd_proc_ls_prof_R_factor            ? 
_refine.pdbx_pd_proc_ls_prof_wR_factor           ? 
_refine.pdbx_pd_Marquardt_correlation_coeff      ? 
_refine.pdbx_pd_Fsqrd_R_factor                   ? 
_refine.pdbx_pd_ls_matrix_band_width             ? 
_refine.pdbx_overall_phase_error                 22.2978 
_refine.pdbx_overall_SU_R_free_Cruickshank_DPI   ? 
_refine.pdbx_overall_SU_R_free_Blow_DPI          ? 
_refine.pdbx_overall_SU_R_Blow_DPI               ? 
_refine.pdbx_TLS_residual_ADP_flag               ? 
_refine.pdbx_diffrn_id                           1 
_refine.overall_SU_B                             ? 
_refine.overall_SU_ML                            0.1211 
_refine.overall_SU_R_Cruickshank_DPI             ? 
_refine.overall_SU_R_free                        ? 
_refine.overall_FOM_free_R_set                   ? 
_refine.overall_FOM_work_R_set                   ? 
_refine.pdbx_average_fsc_overall                 ? 
_refine.pdbx_average_fsc_work                    ? 
_refine.pdbx_average_fsc_free                    ? 
# 
_refine_hist.pdbx_refine_id                   'X-RAY DIFFRACTION' 
_refine_hist.cycle_id                         LAST 
_refine_hist.details                          ? 
_refine_hist.d_res_high                       1.99 
_refine_hist.d_res_low                        25.91 
_refine_hist.number_atoms_solvent             55 
_refine_hist.number_atoms_total               603 
_refine_hist.number_reflns_all                ? 
_refine_hist.number_reflns_obs                ? 
_refine_hist.number_reflns_R_free             ? 
_refine_hist.number_reflns_R_work             ? 
_refine_hist.R_factor_all                     ? 
_refine_hist.R_factor_obs                     ? 
_refine_hist.R_factor_R_free                  ? 
_refine_hist.R_factor_R_work                  ? 
_refine_hist.pdbx_number_residues_total       ? 
_refine_hist.pdbx_B_iso_mean_ligand           ? 
_refine_hist.pdbx_B_iso_mean_solvent          ? 
_refine_hist.pdbx_number_atoms_protein        548 
_refine_hist.pdbx_number_atoms_nucleic_acid   0 
_refine_hist.pdbx_number_atoms_ligand         0 
_refine_hist.pdbx_number_atoms_lipid          ? 
_refine_hist.pdbx_number_atoms_carb           ? 
_refine_hist.pdbx_pseudo_atom_details         ? 
# 
loop_
_refine_ls_restr.pdbx_refine_id 
_refine_ls_restr.criterion 
_refine_ls_restr.dev_ideal 
_refine_ls_restr.dev_ideal_target 
_refine_ls_restr.number 
_refine_ls_restr.rejects 
_refine_ls_restr.type 
_refine_ls_restr.weight 
_refine_ls_restr.pdbx_restraint_function 
'X-RAY DIFFRACTION' ? 0.0087 ? 557 ? f_bond_d           ? ? 
'X-RAY DIFFRACTION' ? 0.7796 ? 748 ? f_angle_d          ? ? 
'X-RAY DIFFRACTION' ? 0.0542 ? 86  ? f_chiral_restr     ? ? 
'X-RAY DIFFRACTION' ? 0.0040 ? 94  ? f_plane_restr      ? ? 
'X-RAY DIFFRACTION' ? 2.4385 ? 340 ? f_dihedral_angle_d ? ? 
# 
loop_
_refine_ls_shell.pdbx_refine_id 
_refine_ls_shell.d_res_high 
_refine_ls_shell.d_res_low 
_refine_ls_shell.number_reflns_all 
_refine_ls_shell.number_reflns_obs 
_refine_ls_shell.number_reflns_R_free 
_refine_ls_shell.number_reflns_R_work 
_refine_ls_shell.percent_reflns_obs 
_refine_ls_shell.percent_reflns_R_free 
_refine_ls_shell.R_factor_all 
_refine_ls_shell.R_factor_obs 
_refine_ls_shell.R_factor_R_free_error 
_refine_ls_shell.R_factor_R_work 
_refine_ls_shell.redundancy_reflns_all 
_refine_ls_shell.redundancy_reflns_obs 
_refine_ls_shell.wR_factor_all 
_refine_ls_shell.wR_factor_obs 
_refine_ls_shell.wR_factor_R_free 
_refine_ls_shell.wR_factor_R_work 
_refine_ls_shell.pdbx_R_complete 
_refine_ls_shell.pdbx_total_number_of_bins_used 
_refine_ls_shell.pdbx_phase_error 
_refine_ls_shell.pdbx_fsc_work 
_refine_ls_shell.pdbx_fsc_free 
_refine_ls_shell.R_factor_R_free 
'X-RAY DIFFRACTION' 1.99 2.51  . . 142 2481 100.00 . . . . 0.1579 . . . . . . . . . . . 0.2408 
'X-RAY DIFFRACTION' 2.51 25.91 . . 161 2500 99.78  . . . . 0.1730 . . . . . . . . . . . 0.2218 
# 
_struct.entry_id                     8Y76 
_struct.title                        'Crystal structure of the SAM domain of L3MBTL3' 
_struct.pdbx_model_details           ? 
_struct.pdbx_formula_weight          ? 
_struct.pdbx_formula_weight_method   ? 
_struct.pdbx_model_type_details      ? 
_struct.pdbx_CASP_flag               N 
# 
_struct_keywords.entry_id        8Y76 
_struct_keywords.text            'epigenetic, chromatin-binding, polymer, GENE REGULATION' 
_struct_keywords.pdbx_keywords   'GENE REGULATION' 
# 
loop_
_struct_asym.id 
_struct_asym.pdbx_blank_PDB_chainid_flag 
_struct_asym.pdbx_modified 
_struct_asym.entity_id 
_struct_asym.details 
A N N 1 ? 
B N N 2 ? 
# 
_struct_ref.id                         1 
_struct_ref.db_name                    UNP 
_struct_ref.db_code                    LMBL3_HUMAN 
_struct_ref.pdbx_db_accession          Q96JM7 
_struct_ref.pdbx_db_isoform            ? 
_struct_ref.entity_id                  1 
_struct_ref.pdbx_seq_one_letter_code   VSKWSTDEVSEFIQSLPGCEEHGKVFKDEQIDGEAFLLMTQTDIVKIMSIKLGPALKIFNSILMFKAAE 
_struct_ref.pdbx_align_begin           705 
# 
_struct_ref_seq.align_id                      1 
_struct_ref_seq.ref_id                        1 
_struct_ref_seq.pdbx_PDB_id_code              8Y76 
_struct_ref_seq.pdbx_strand_id                A 
_struct_ref_seq.seq_align_beg                 2 
_struct_ref_seq.pdbx_seq_align_beg_ins_code   ? 
_struct_ref_seq.seq_align_end                 70 
_struct_ref_seq.pdbx_seq_align_end_ins_code   ? 
_struct_ref_seq.pdbx_db_accession             Q96JM7 
_struct_ref_seq.db_align_beg                  705 
_struct_ref_seq.pdbx_db_align_beg_ins_code    ? 
_struct_ref_seq.db_align_end                  773 
_struct_ref_seq.pdbx_db_align_end_ins_code    ? 
_struct_ref_seq.pdbx_auth_seq_align_beg       459 
_struct_ref_seq.pdbx_auth_seq_align_end       527 
# 
_struct_ref_seq_dif.align_id                     1 
_struct_ref_seq_dif.pdbx_pdb_id_code             8Y76 
_struct_ref_seq_dif.mon_id                       SER 
_struct_ref_seq_dif.pdbx_pdb_strand_id           A 
_struct_ref_seq_dif.seq_num                      1 
_struct_ref_seq_dif.pdbx_pdb_ins_code            ? 
_struct_ref_seq_dif.pdbx_seq_db_name             UNP 
_struct_ref_seq_dif.pdbx_seq_db_accession_code   Q96JM7 
_struct_ref_seq_dif.db_mon_id                    ? 
_struct_ref_seq_dif.pdbx_seq_db_seq_num          ? 
_struct_ref_seq_dif.details                      'expression tag' 
_struct_ref_seq_dif.pdbx_auth_seq_num            458 
_struct_ref_seq_dif.pdbx_ordinal                 1 
# 
_pdbx_struct_assembly.id                   1 
_pdbx_struct_assembly.details              author_defined_assembly 
_pdbx_struct_assembly.method_details       ? 
_pdbx_struct_assembly.oligomeric_details   monomeric 
_pdbx_struct_assembly.oligomeric_count     1 
# 
_pdbx_struct_assembly_gen.assembly_id       1 
_pdbx_struct_assembly_gen.oper_expression   1 
_pdbx_struct_assembly_gen.asym_id_list      A,B 
# 
_pdbx_struct_assembly_auth_evidence.id                     1 
_pdbx_struct_assembly_auth_evidence.assembly_id            1 
_pdbx_struct_assembly_auth_evidence.experimental_support   'gel filtration' 
_pdbx_struct_assembly_auth_evidence.details                ? 
# 
_pdbx_struct_oper_list.id                   1 
_pdbx_struct_oper_list.type                 'identity operation' 
_pdbx_struct_oper_list.name                 1_555 
_pdbx_struct_oper_list.symmetry_operation   x,y,z 
_pdbx_struct_oper_list.matrix[1][1]         1.0000000000 
_pdbx_struct_oper_list.matrix[1][2]         0.0000000000 
_pdbx_struct_oper_list.matrix[1][3]         0.0000000000 
_pdbx_struct_oper_list.vector[1]            0.0000000000 
_pdbx_struct_oper_list.matrix[2][1]         0.0000000000 
_pdbx_struct_oper_list.matrix[2][2]         1.0000000000 
_pdbx_struct_oper_list.matrix[2][3]         0.0000000000 
_pdbx_struct_oper_list.vector[2]            0.0000000000 
_pdbx_struct_oper_list.matrix[3][1]         0.0000000000 
_pdbx_struct_oper_list.matrix[3][2]         0.0000000000 
_pdbx_struct_oper_list.matrix[3][3]         1.0000000000 
_pdbx_struct_oper_list.vector[3]            0.0000000000 
# 
loop_
_struct_conf.conf_type_id 
_struct_conf.id 
_struct_conf.pdbx_PDB_helix_id 
_struct_conf.beg_label_comp_id 
_struct_conf.beg_label_asym_id 
_struct_conf.beg_label_seq_id 
_struct_conf.pdbx_beg_PDB_ins_code 
_struct_conf.end_label_comp_id 
_struct_conf.end_label_asym_id 
_struct_conf.end_label_seq_id 
_struct_conf.pdbx_end_PDB_ins_code 
_struct_conf.beg_auth_comp_id 
_struct_conf.beg_auth_asym_id 
_struct_conf.beg_auth_seq_id 
_struct_conf.end_auth_comp_id 
_struct_conf.end_auth_asym_id 
_struct_conf.end_auth_seq_id 
_struct_conf.pdbx_PDB_helix_class 
_struct_conf.details 
_struct_conf.pdbx_PDB_helix_length 
HELX_P HELX_P1 AA1 SER A 1  ? TRP A 5  ? SER A 458 TRP A 462 5 ? 5  
HELX_P HELX_P2 AA2 SER A 6  ? SER A 16 ? SER A 463 SER A 473 1 ? 11 
HELX_P HELX_P3 AA3 CYS A 20 ? GLU A 22 ? CYS A 477 GLU A 479 5 ? 3  
HELX_P HELX_P4 AA4 HIS A 23 ? GLU A 30 ? HIS A 480 GLU A 487 1 ? 8  
HELX_P HELX_P5 AA5 ASP A 33 ? LEU A 38 ? ASP A 490 LEU A 495 1 ? 6  
HELX_P HELX_P6 AA6 THR A 41 ? LYS A 47 ? THR A 498 LYS A 504 1 ? 7  
HELX_P HELX_P7 AA7 LYS A 52 ? ALA A 69 ? LYS A 509 ALA A 526 1 ? 18 
# 
_struct_conf_type.id          HELX_P 
_struct_conf_type.criteria    ? 
_struct_conf_type.reference   ? 
# 
_pdbx_entry_details.entry_id                   8Y76 
_pdbx_entry_details.compound_details           ? 
_pdbx_entry_details.source_details             ? 
_pdbx_entry_details.nonpolymer_details         ? 
_pdbx_entry_details.sequence_details           ? 
_pdbx_entry_details.has_ligand_of_interest     ? 
_pdbx_entry_details.has_protein_modification   N 
# 
loop_
_space_group_symop.id 
_space_group_symop.operation_xyz 
1 x,y,z         
2 x-y,x,z+5/6   
3 y,-x+y,z+1/6  
4 -y,x-y,z+2/3  
5 -x+y,-x,z+1/3 
6 -x,-y,z+1/2   
# 
loop_
_chem_comp_atom.comp_id 
_chem_comp_atom.atom_id 
_chem_comp_atom.type_symbol 
_chem_comp_atom.pdbx_aromatic_flag 
_chem_comp_atom.pdbx_stereo_config 
_chem_comp_atom.pdbx_ordinal 
ALA N    N N N 1   
ALA CA   C N S 2   
ALA C    C N N 3   
ALA O    O N N 4   
ALA CB   C N N 5   
ALA OXT  O N N 6   
ALA H    H N N 7   
ALA H2   H N N 8   
ALA HA   H N N 9   
ALA HB1  H N N 10  
ALA HB2  H N N 11  
ALA HB3  H N N 12  
ALA HXT  H N N 13  
ASN N    N N N 14  
ASN CA   C N S 15  
ASN C    C N N 16  
ASN O    O N N 17  
ASN CB   C N N 18  
ASN CG   C N N 19  
ASN OD1  O N N 20  
ASN ND2  N N N 21  
ASN OXT  O N N 22  
ASN H    H N N 23  
ASN H2   H N N 24  
ASN HA   H N N 25  
ASN HB2  H N N 26  
ASN HB3  H N N 27  
ASN HD21 H N N 28  
ASN HD22 H N N 29  
ASN HXT  H N N 30  
ASP N    N N N 31  
ASP CA   C N S 32  
ASP C    C N N 33  
ASP O    O N N 34  
ASP CB   C N N 35  
ASP CG   C N N 36  
ASP OD1  O N N 37  
ASP OD2  O N N 38  
ASP OXT  O N N 39  
ASP H    H N N 40  
ASP H2   H N N 41  
ASP HA   H N N 42  
ASP HB2  H N N 43  
ASP HB3  H N N 44  
ASP HD2  H N N 45  
ASP HXT  H N N 46  
CYS N    N N N 47  
CYS CA   C N R 48  
CYS C    C N N 49  
CYS O    O N N 50  
CYS CB   C N N 51  
CYS SG   S N N 52  
CYS OXT  O N N 53  
CYS H    H N N 54  
CYS H2   H N N 55  
CYS HA   H N N 56  
CYS HB2  H N N 57  
CYS HB3  H N N 58  
CYS HG   H N N 59  
CYS HXT  H N N 60  
GLN N    N N N 61  
GLN CA   C N S 62  
GLN C    C N N 63  
GLN O    O N N 64  
GLN CB   C N N 65  
GLN CG   C N N 66  
GLN CD   C N N 67  
GLN OE1  O N N 68  
GLN NE2  N N N 69  
GLN OXT  O N N 70  
GLN H    H N N 71  
GLN H2   H N N 72  
GLN HA   H N N 73  
GLN HB2  H N N 74  
GLN HB3  H N N 75  
GLN HG2  H N N 76  
GLN HG3  H N N 77  
GLN HE21 H N N 78  
GLN HE22 H N N 79  
GLN HXT  H N N 80  
GLU N    N N N 81  
GLU CA   C N S 82  
GLU C    C N N 83  
GLU O    O N N 84  
GLU CB   C N N 85  
GLU CG   C N N 86  
GLU CD   C N N 87  
GLU OE1  O N N 88  
GLU OE2  O N N 89  
GLU OXT  O N N 90  
GLU H    H N N 91  
GLU H2   H N N 92  
GLU HA   H N N 93  
GLU HB2  H N N 94  
GLU HB3  H N N 95  
GLU HG2  H N N 96  
GLU HG3  H N N 97  
GLU HE2  H N N 98  
GLU HXT  H N N 99  
GLY N    N N N 100 
GLY CA   C N N 101 
GLY C    C N N 102 
GLY O    O N N 103 
GLY OXT  O N N 104 
GLY H    H N N 105 
GLY H2   H N N 106 
GLY HA2  H N N 107 
GLY HA3  H N N 108 
GLY HXT  H N N 109 
HIS N    N N N 110 
HIS CA   C N S 111 
HIS C    C N N 112 
HIS O    O N N 113 
HIS CB   C N N 114 
HIS CG   C Y N 115 
HIS ND1  N Y N 116 
HIS CD2  C Y N 117 
HIS CE1  C Y N 118 
HIS NE2  N Y N 119 
HIS OXT  O N N 120 
HIS H    H N N 121 
HIS H2   H N N 122 
HIS HA   H N N 123 
HIS HB2  H N N 124 
HIS HB3  H N N 125 
HIS HD1  H N N 126 
HIS HD2  H N N 127 
HIS HE1  H N N 128 
HIS HE2  H N N 129 
HIS HXT  H N N 130 
HOH O    O N N 131 
HOH H1   H N N 132 
HOH H2   H N N 133 
ILE N    N N N 134 
ILE CA   C N S 135 
ILE C    C N N 136 
ILE O    O N N 137 
ILE CB   C N S 138 
ILE CG1  C N N 139 
ILE CG2  C N N 140 
ILE CD1  C N N 141 
ILE OXT  O N N 142 
ILE H    H N N 143 
ILE H2   H N N 144 
ILE HA   H N N 145 
ILE HB   H N N 146 
ILE HG12 H N N 147 
ILE HG13 H N N 148 
ILE HG21 H N N 149 
ILE HG22 H N N 150 
ILE HG23 H N N 151 
ILE HD11 H N N 152 
ILE HD12 H N N 153 
ILE HD13 H N N 154 
ILE HXT  H N N 155 
LEU N    N N N 156 
LEU CA   C N S 157 
LEU C    C N N 158 
LEU O    O N N 159 
LEU CB   C N N 160 
LEU CG   C N N 161 
LEU CD1  C N N 162 
LEU CD2  C N N 163 
LEU OXT  O N N 164 
LEU H    H N N 165 
LEU H2   H N N 166 
LEU HA   H N N 167 
LEU HB2  H N N 168 
LEU HB3  H N N 169 
LEU HG   H N N 170 
LEU HD11 H N N 171 
LEU HD12 H N N 172 
LEU HD13 H N N 173 
LEU HD21 H N N 174 
LEU HD22 H N N 175 
LEU HD23 H N N 176 
LEU HXT  H N N 177 
LYS N    N N N 178 
LYS CA   C N S 179 
LYS C    C N N 180 
LYS O    O N N 181 
LYS CB   C N N 182 
LYS CG   C N N 183 
LYS CD   C N N 184 
LYS CE   C N N 185 
LYS NZ   N N N 186 
LYS OXT  O N N 187 
LYS H    H N N 188 
LYS H2   H N N 189 
LYS HA   H N N 190 
LYS HB2  H N N 191 
LYS HB3  H N N 192 
LYS HG2  H N N 193 
LYS HG3  H N N 194 
LYS HD2  H N N 195 
LYS HD3  H N N 196 
LYS HE2  H N N 197 
LYS HE3  H N N 198 
LYS HZ1  H N N 199 
LYS HZ2  H N N 200 
LYS HZ3  H N N 201 
LYS HXT  H N N 202 
MET N    N N N 203 
MET CA   C N S 204 
MET C    C N N 205 
MET O    O N N 206 
MET CB   C N N 207 
MET CG   C N N 208 
MET SD   S N N 209 
MET CE   C N N 210 
MET OXT  O N N 211 
MET H    H N N 212 
MET H2   H N N 213 
MET HA   H N N 214 
MET HB2  H N N 215 
MET HB3  H N N 216 
MET HG2  H N N 217 
MET HG3  H N N 218 
MET HE1  H N N 219 
MET HE2  H N N 220 
MET HE3  H N N 221 
MET HXT  H N N 222 
PHE N    N N N 223 
PHE CA   C N S 224 
PHE C    C N N 225 
PHE O    O N N 226 
PHE CB   C N N 227 
PHE CG   C Y N 228 
PHE CD1  C Y N 229 
PHE CD2  C Y N 230 
PHE CE1  C Y N 231 
PHE CE2  C Y N 232 
PHE CZ   C Y N 233 
PHE OXT  O N N 234 
PHE H    H N N 235 
PHE H2   H N N 236 
PHE HA   H N N 237 
PHE HB2  H N N 238 
PHE HB3  H N N 239 
PHE HD1  H N N 240 
PHE HD2  H N N 241 
PHE HE1  H N N 242 
PHE HE2  H N N 243 
PHE HZ   H N N 244 
PHE HXT  H N N 245 
PRO N    N N N 246 
PRO CA   C N S 247 
PRO C    C N N 248 
PRO O    O N N 249 
PRO CB   C N N 250 
PRO CG   C N N 251 
PRO CD   C N N 252 
PRO OXT  O N N 253 
PRO H    H N N 254 
PRO HA   H N N 255 
PRO HB2  H N N 256 
PRO HB3  H N N 257 
PRO HG2  H N N 258 
PRO HG3  H N N 259 
PRO HD2  H N N 260 
PRO HD3  H N N 261 
PRO HXT  H N N 262 
SER N    N N N 263 
SER CA   C N S 264 
SER C    C N N 265 
SER O    O N N 266 
SER CB   C N N 267 
SER OG   O N N 268 
SER OXT  O N N 269 
SER H    H N N 270 
SER H2   H N N 271 
SER HA   H N N 272 
SER HB2  H N N 273 
SER HB3  H N N 274 
SER HG   H N N 275 
SER HXT  H N N 276 
THR N    N N N 277 
THR CA   C N S 278 
THR C    C N N 279 
THR O    O N N 280 
THR CB   C N R 281 
THR OG1  O N N 282 
THR CG2  C N N 283 
THR OXT  O N N 284 
THR H    H N N 285 
THR H2   H N N 286 
THR HA   H N N 287 
THR HB   H N N 288 
THR HG1  H N N 289 
THR HG21 H N N 290 
THR HG22 H N N 291 
THR HG23 H N N 292 
THR HXT  H N N 293 
TRP N    N N N 294 
TRP CA   C N S 295 
TRP C    C N N 296 
TRP O    O N N 297 
TRP CB   C N N 298 
TRP CG   C Y N 299 
TRP CD1  C Y N 300 
TRP CD2  C Y N 301 
TRP NE1  N Y N 302 
TRP CE2  C Y N 303 
TRP CE3  C Y N 304 
TRP CZ2  C Y N 305 
TRP CZ3  C Y N 306 
TRP CH2  C Y N 307 
TRP OXT  O N N 308 
TRP H    H N N 309 
TRP H2   H N N 310 
TRP HA   H N N 311 
TRP HB2  H N N 312 
TRP HB3  H N N 313 
TRP HD1  H N N 314 
TRP HE1  H N N 315 
TRP HE3  H N N 316 
TRP HZ2  H N N 317 
TRP HZ3  H N N 318 
TRP HH2  H N N 319 
TRP HXT  H N N 320 
VAL N    N N N 321 
VAL CA   C N S 322 
VAL C    C N N 323 
VAL O    O N N 324 
VAL CB   C N N 325 
VAL CG1  C N N 326 
VAL CG2  C N N 327 
VAL OXT  O N N 328 
VAL H    H N N 329 
VAL H2   H N N 330 
VAL HA   H N N 331 
VAL HB   H N N 332 
VAL HG11 H N N 333 
VAL HG12 H N N 334 
VAL HG13 H N N 335 
VAL HG21 H N N 336 
VAL HG22 H N N 337 
VAL HG23 H N N 338 
VAL HXT  H N N 339 
# 
loop_
_chem_comp_bond.comp_id 
_chem_comp_bond.atom_id_1 
_chem_comp_bond.atom_id_2 
_chem_comp_bond.value_order 
_chem_comp_bond.pdbx_aromatic_flag 
_chem_comp_bond.pdbx_stereo_config 
_chem_comp_bond.pdbx_ordinal 
ALA N   CA   sing N N 1   
ALA N   H    sing N N 2   
ALA N   H2   sing N N 3   
ALA CA  C    sing N N 4   
ALA CA  CB   sing N N 5   
ALA CA  HA   sing N N 6   
ALA C   O    doub N N 7   
ALA C   OXT  sing N N 8   
ALA CB  HB1  sing N N 9   
ALA CB  HB2  sing N N 10  
ALA CB  HB3  sing N N 11  
ALA OXT HXT  sing N N 12  
ASN N   CA   sing N N 13  
ASN N   H    sing N N 14  
ASN N   H2   sing N N 15  
ASN CA  C    sing N N 16  
ASN CA  CB   sing N N 17  
ASN CA  HA   sing N N 18  
ASN C   O    doub N N 19  
ASN C   OXT  sing N N 20  
ASN CB  CG   sing N N 21  
ASN CB  HB2  sing N N 22  
ASN CB  HB3  sing N N 23  
ASN CG  OD1  doub N N 24  
ASN CG  ND2  sing N N 25  
ASN ND2 HD21 sing N N 26  
ASN ND2 HD22 sing N N 27  
ASN OXT HXT  sing N N 28  
ASP N   CA   sing N N 29  
ASP N   H    sing N N 30  
ASP N   H2   sing N N 31  
ASP CA  C    sing N N 32  
ASP CA  CB   sing N N 33  
ASP CA  HA   sing N N 34  
ASP C   O    doub N N 35  
ASP C   OXT  sing N N 36  
ASP CB  CG   sing N N 37  
ASP CB  HB2  sing N N 38  
ASP CB  HB3  sing N N 39  
ASP CG  OD1  doub N N 40  
ASP CG  OD2  sing N N 41  
ASP OD2 HD2  sing N N 42  
ASP OXT HXT  sing N N 43  
CYS N   CA   sing N N 44  
CYS N   H    sing N N 45  
CYS N   H2   sing N N 46  
CYS CA  C    sing N N 47  
CYS CA  CB   sing N N 48  
CYS CA  HA   sing N N 49  
CYS C   O    doub N N 50  
CYS C   OXT  sing N N 51  
CYS CB  SG   sing N N 52  
CYS CB  HB2  sing N N 53  
CYS CB  HB3  sing N N 54  
CYS SG  HG   sing N N 55  
CYS OXT HXT  sing N N 56  
GLN N   CA   sing N N 57  
GLN N   H    sing N N 58  
GLN N   H2   sing N N 59  
GLN CA  C    sing N N 60  
GLN CA  CB   sing N N 61  
GLN CA  HA   sing N N 62  
GLN C   O    doub N N 63  
GLN C   OXT  sing N N 64  
GLN CB  CG   sing N N 65  
GLN CB  HB2  sing N N 66  
GLN CB  HB3  sing N N 67  
GLN CG  CD   sing N N 68  
GLN CG  HG2  sing N N 69  
GLN CG  HG3  sing N N 70  
GLN CD  OE1  doub N N 71  
GLN CD  NE2  sing N N 72  
GLN NE2 HE21 sing N N 73  
GLN NE2 HE22 sing N N 74  
GLN OXT HXT  sing N N 75  
GLU N   CA   sing N N 76  
GLU N   H    sing N N 77  
GLU N   H2   sing N N 78  
GLU CA  C    sing N N 79  
GLU CA  CB   sing N N 80  
GLU CA  HA   sing N N 81  
GLU C   O    doub N N 82  
GLU C   OXT  sing N N 83  
GLU CB  CG   sing N N 84  
GLU CB  HB2  sing N N 85  
GLU CB  HB3  sing N N 86  
GLU CG  CD   sing N N 87  
GLU CG  HG2  sing N N 88  
GLU CG  HG3  sing N N 89  
GLU CD  OE1  doub N N 90  
GLU CD  OE2  sing N N 91  
GLU OE2 HE2  sing N N 92  
GLU OXT HXT  sing N N 93  
GLY N   CA   sing N N 94  
GLY N   H    sing N N 95  
GLY N   H2   sing N N 96  
GLY CA  C    sing N N 97  
GLY CA  HA2  sing N N 98  
GLY CA  HA3  sing N N 99  
GLY C   O    doub N N 100 
GLY C   OXT  sing N N 101 
GLY OXT HXT  sing N N 102 
HIS N   CA   sing N N 103 
HIS N   H    sing N N 104 
HIS N   H2   sing N N 105 
HIS CA  C    sing N N 106 
HIS CA  CB   sing N N 107 
HIS CA  HA   sing N N 108 
HIS C   O    doub N N 109 
HIS C   OXT  sing N N 110 
HIS CB  CG   sing N N 111 
HIS CB  HB2  sing N N 112 
HIS CB  HB3  sing N N 113 
HIS CG  ND1  sing Y N 114 
HIS CG  CD2  doub Y N 115 
HIS ND1 CE1  doub Y N 116 
HIS ND1 HD1  sing N N 117 
HIS CD2 NE2  sing Y N 118 
HIS CD2 HD2  sing N N 119 
HIS CE1 NE2  sing Y N 120 
HIS CE1 HE1  sing N N 121 
HIS NE2 HE2  sing N N 122 
HIS OXT HXT  sing N N 123 
HOH O   H1   sing N N 124 
HOH O   H2   sing N N 125 
ILE N   CA   sing N N 126 
ILE N   H    sing N N 127 
ILE N   H2   sing N N 128 
ILE CA  C    sing N N 129 
ILE CA  CB   sing N N 130 
ILE CA  HA   sing N N 131 
ILE C   O    doub N N 132 
ILE C   OXT  sing N N 133 
ILE CB  CG1  sing N N 134 
ILE CB  CG2  sing N N 135 
ILE CB  HB   sing N N 136 
ILE CG1 CD1  sing N N 137 
ILE CG1 HG12 sing N N 138 
ILE CG1 HG13 sing N N 139 
ILE CG2 HG21 sing N N 140 
ILE CG2 HG22 sing N N 141 
ILE CG2 HG23 sing N N 142 
ILE CD1 HD11 sing N N 143 
ILE CD1 HD12 sing N N 144 
ILE CD1 HD13 sing N N 145 
ILE OXT HXT  sing N N 146 
LEU N   CA   sing N N 147 
LEU N   H    sing N N 148 
LEU N   H2   sing N N 149 
LEU CA  C    sing N N 150 
LEU CA  CB   sing N N 151 
LEU CA  HA   sing N N 152 
LEU C   O    doub N N 153 
LEU C   OXT  sing N N 154 
LEU CB  CG   sing N N 155 
LEU CB  HB2  sing N N 156 
LEU CB  HB3  sing N N 157 
LEU CG  CD1  sing N N 158 
LEU CG  CD2  sing N N 159 
LEU CG  HG   sing N N 160 
LEU CD1 HD11 sing N N 161 
LEU CD1 HD12 sing N N 162 
LEU CD1 HD13 sing N N 163 
LEU CD2 HD21 sing N N 164 
LEU CD2 HD22 sing N N 165 
LEU CD2 HD23 sing N N 166 
LEU OXT HXT  sing N N 167 
LYS N   CA   sing N N 168 
LYS N   H    sing N N 169 
LYS N   H2   sing N N 170 
LYS CA  C    sing N N 171 
LYS CA  CB   sing N N 172 
LYS CA  HA   sing N N 173 
LYS C   O    doub N N 174 
LYS C   OXT  sing N N 175 
LYS CB  CG   sing N N 176 
LYS CB  HB2  sing N N 177 
LYS CB  HB3  sing N N 178 
LYS CG  CD   sing N N 179 
LYS CG  HG2  sing N N 180 
LYS CG  HG3  sing N N 181 
LYS CD  CE   sing N N 182 
LYS CD  HD2  sing N N 183 
LYS CD  HD3  sing N N 184 
LYS CE  NZ   sing N N 185 
LYS CE  HE2  sing N N 186 
LYS CE  HE3  sing N N 187 
LYS NZ  HZ1  sing N N 188 
LYS NZ  HZ2  sing N N 189 
LYS NZ  HZ3  sing N N 190 
LYS OXT HXT  sing N N 191 
MET N   CA   sing N N 192 
MET N   H    sing N N 193 
MET N   H2   sing N N 194 
MET CA  C    sing N N 195 
MET CA  CB   sing N N 196 
MET CA  HA   sing N N 197 
MET C   O    doub N N 198 
MET C   OXT  sing N N 199 
MET CB  CG   sing N N 200 
MET CB  HB2  sing N N 201 
MET CB  HB3  sing N N 202 
MET CG  SD   sing N N 203 
MET CG  HG2  sing N N 204 
MET CG  HG3  sing N N 205 
MET SD  CE   sing N N 206 
MET CE  HE1  sing N N 207 
MET CE  HE2  sing N N 208 
MET CE  HE3  sing N N 209 
MET OXT HXT  sing N N 210 
PHE N   CA   sing N N 211 
PHE N   H    sing N N 212 
PHE N   H2   sing N N 213 
PHE CA  C    sing N N 214 
PHE CA  CB   sing N N 215 
PHE CA  HA   sing N N 216 
PHE C   O    doub N N 217 
PHE C   OXT  sing N N 218 
PHE CB  CG   sing N N 219 
PHE CB  HB2  sing N N 220 
PHE CB  HB3  sing N N 221 
PHE CG  CD1  doub Y N 222 
PHE CG  CD2  sing Y N 223 
PHE CD1 CE1  sing Y N 224 
PHE CD1 HD1  sing N N 225 
PHE CD2 CE2  doub Y N 226 
PHE CD2 HD2  sing N N 227 
PHE CE1 CZ   doub Y N 228 
PHE CE1 HE1  sing N N 229 
PHE CE2 CZ   sing Y N 230 
PHE CE2 HE2  sing N N 231 
PHE CZ  HZ   sing N N 232 
PHE OXT HXT  sing N N 233 
PRO N   CA   sing N N 234 
PRO N   CD   sing N N 235 
PRO N   H    sing N N 236 
PRO CA  C    sing N N 237 
PRO CA  CB   sing N N 238 
PRO CA  HA   sing N N 239 
PRO C   O    doub N N 240 
PRO C   OXT  sing N N 241 
PRO CB  CG   sing N N 242 
PRO CB  HB2  sing N N 243 
PRO CB  HB3  sing N N 244 
PRO CG  CD   sing N N 245 
PRO CG  HG2  sing N N 246 
PRO CG  HG3  sing N N 247 
PRO CD  HD2  sing N N 248 
PRO CD  HD3  sing N N 249 
PRO OXT HXT  sing N N 250 
SER N   CA   sing N N 251 
SER N   H    sing N N 252 
SER N   H2   sing N N 253 
SER CA  C    sing N N 254 
SER CA  CB   sing N N 255 
SER CA  HA   sing N N 256 
SER C   O    doub N N 257 
SER C   OXT  sing N N 258 
SER CB  OG   sing N N 259 
SER CB  HB2  sing N N 260 
SER CB  HB3  sing N N 261 
SER OG  HG   sing N N 262 
SER OXT HXT  sing N N 263 
THR N   CA   sing N N 264 
THR N   H    sing N N 265 
THR N   H2   sing N N 266 
THR CA  C    sing N N 267 
THR CA  CB   sing N N 268 
THR CA  HA   sing N N 269 
THR C   O    doub N N 270 
THR C   OXT  sing N N 271 
THR CB  OG1  sing N N 272 
THR CB  CG2  sing N N 273 
THR CB  HB   sing N N 274 
THR OG1 HG1  sing N N 275 
THR CG2 HG21 sing N N 276 
THR CG2 HG22 sing N N 277 
THR CG2 HG23 sing N N 278 
THR OXT HXT  sing N N 279 
TRP N   CA   sing N N 280 
TRP N   H    sing N N 281 
TRP N   H2   sing N N 282 
TRP CA  C    sing N N 283 
TRP CA  CB   sing N N 284 
TRP CA  HA   sing N N 285 
TRP C   O    doub N N 286 
TRP C   OXT  sing N N 287 
TRP CB  CG   sing N N 288 
TRP CB  HB2  sing N N 289 
TRP CB  HB3  sing N N 290 
TRP CG  CD1  doub Y N 291 
TRP CG  CD2  sing Y N 292 
TRP CD1 NE1  sing Y N 293 
TRP CD1 HD1  sing N N 294 
TRP CD2 CE2  doub Y N 295 
TRP CD2 CE3  sing Y N 296 
TRP NE1 CE2  sing Y N 297 
TRP NE1 HE1  sing N N 298 
TRP CE2 CZ2  sing Y N 299 
TRP CE3 CZ3  doub Y N 300 
TRP CE3 HE3  sing N N 301 
TRP CZ2 CH2  doub Y N 302 
TRP CZ2 HZ2  sing N N 303 
TRP CZ3 CH2  sing Y N 304 
TRP CZ3 HZ3  sing N N 305 
TRP CH2 HH2  sing N N 306 
TRP OXT HXT  sing N N 307 
VAL N   CA   sing N N 308 
VAL N   H    sing N N 309 
VAL N   H2   sing N N 310 
VAL CA  C    sing N N 311 
VAL CA  CB   sing N N 312 
VAL CA  HA   sing N N 313 
VAL C   O    doub N N 314 
VAL C   OXT  sing N N 315 
VAL CB  CG1  sing N N 316 
VAL CB  CG2  sing N N 317 
VAL CB  HB   sing N N 318 
VAL CG1 HG11 sing N N 319 
VAL CG1 HG12 sing N N 320 
VAL CG1 HG13 sing N N 321 
VAL CG2 HG21 sing N N 322 
VAL CG2 HG22 sing N N 323 
VAL CG2 HG23 sing N N 324 
VAL OXT HXT  sing N N 325 
# 
loop_
_pdbx_audit_support.funding_organization 
_pdbx_audit_support.country 
_pdbx_audit_support.grant_number 
_pdbx_audit_support.ordinal 
'National Natural Science Foundation of China (NSFC)' China 32071204 1 
'National Natural Science Foundation of China (NSFC)' China 32125008 2 
# 
_pdbx_initial_refinement_model.id               1 
_pdbx_initial_refinement_model.entity_id_list   ? 
_pdbx_initial_refinement_model.type             'experimental model' 
_pdbx_initial_refinement_model.source_name      PDB 
_pdbx_initial_refinement_model.accession_code   6LUJ 
_pdbx_initial_refinement_model.details          ? 
# 
_space_group.name_H-M_alt     'P 65' 
_space_group.name_Hall        'P 65' 
_space_group.IT_number        170 
_space_group.crystal_system   hexagonal 
_space_group.id               1 
# 
_atom_sites.entry_id                    8Y76 
_atom_sites.Cartn_transf_matrix[1][1]   ? 
_atom_sites.Cartn_transf_matrix[1][2]   ? 
_atom_sites.Cartn_transf_matrix[1][3]   ? 
_atom_sites.Cartn_transf_matrix[2][1]   ? 
_atom_sites.Cartn_transf_matrix[2][2]   ? 
_atom_sites.Cartn_transf_matrix[2][3]   ? 
_atom_sites.Cartn_transf_matrix[3][1]   ? 
_atom_sites.Cartn_transf_matrix[3][2]   ? 
_atom_sites.Cartn_transf_matrix[3][3]   ? 
_atom_sites.Cartn_transf_vector[1]      ? 
_atom_sites.Cartn_transf_vector[2]      ? 
_atom_sites.Cartn_transf_vector[3]      ? 
_atom_sites.Cartn_transform_axes        ? 
_atom_sites.fract_transf_matrix[1][1]   -0.00396840 
_atom_sites.fract_transf_matrix[1][2]   -0.02170605 
_atom_sites.fract_transf_matrix[1][3]   -0.00310384 
_atom_sites.fract_transf_matrix[2][1]   -0.00380478 
_atom_sites.fract_transf_matrix[2][2]   -0.01324541 
_atom_sites.fract_transf_matrix[2][3]   0.01751042 
_atom_sites.fract_transf_matrix[3][1]   -0.01965524 
_atom_sites.fract_transf_matrix[3][2]   0.00379381 
_atom_sites.fract_transf_matrix[3][3]   -0.00140107 
_atom_sites.fract_transf_vector[1]      -0.293444 
_atom_sites.fract_transf_vector[2]      0.171269 
_atom_sites.fract_transf_vector[3]      0.077045 
_atom_sites.solution_primary            ? 
_atom_sites.solution_secondary          ? 
_atom_sites.solution_hydrogens          ? 
_atom_sites.special_details             ? 
# 
loop_
_atom_type.symbol 
_atom_type.scat_dispersion_real 
_atom_type.scat_dispersion_imag 
_atom_type.scat_Cromer_Mann_a1 
_atom_type.scat_Cromer_Mann_a2 
_atom_type.scat_Cromer_Mann_b1 
_atom_type.scat_Cromer_Mann_b2 
_atom_type.scat_Cromer_Mann_c 
_atom_type.scat_source 
_atom_type.scat_dispersion_source 
C ? ? 3.54356 2.42580 25.62398 1.50364  0.0 
;2-Gaussian fit: Grosse-Kunstleve RW, Sauter NK, Adams PD: Newsletter of the IUCr Commission on Crystallographic Computing 2004, 3, 22-31.
;
? 
N ? ? 4.01032 2.96436 19.97189 1.75589  0.0 
;2-Gaussian fit: Grosse-Kunstleve RW, Sauter NK, Adams PD: Newsletter of the IUCr Commission on Crystallographic Computing 2004, 3, 22-31.
;
? 
O ? ? 4.49882 3.47563 15.80542 1.70748  0.0 
;2-Gaussian fit: Grosse-Kunstleve RW, Sauter NK, Adams PD: Newsletter of the IUCr Commission on Crystallographic Computing 2004, 3, 22-31.
;
? 
S ? ? 9.55732 6.39887 1.23737  29.19336 0.0 
;2-Gaussian fit: Grosse-Kunstleve RW, Sauter NK, Adams PD: Newsletter of the IUCr Commission on Crystallographic Computing 2004, 3, 22-31.
;
? 
# 
loop_
_atom_site.group_PDB 
_atom_site.id 
_atom_site.type_symbol 
_atom_site.label_atom_id 
_atom_site.label_alt_id 
_atom_site.label_comp_id 
_atom_site.label_asym_id 
_atom_site.label_entity_id 
_atom_site.label_seq_id 
_atom_site.pdbx_PDB_ins_code 
_atom_site.Cartn_x 
_atom_site.Cartn_y 
_atom_site.Cartn_z 
_atom_site.occupancy 
_atom_site.B_iso_or_equiv 
_atom_site.pdbx_formal_charge 
_atom_site.auth_seq_id 
_atom_site.auth_comp_id 
_atom_site.auth_asym_id 
_atom_site.auth_atom_id 
_atom_site.pdbx_PDB_model_num 
ATOM   1   N N   . SER A 1 1  ? -5.09041  14.46610  1.27248   1.000 22.66320 ? 458 SER A N   1 
ATOM   2   C CA  . SER A 1 1  ? -5.59631  13.12242  1.01744   1.000 25.28795 ? 458 SER A CA  1 
ATOM   3   C C   . SER A 1 1  ? -4.45297  12.16992  0.70834   1.000 24.79772 ? 458 SER A C   1 
ATOM   4   O O   . SER A 1 1  ? -3.29291  12.56185  0.75038   1.000 24.91323 ? 458 SER A O   1 
ATOM   5   C CB  . SER A 1 1  ? -6.58805  13.12309  -0.14294  1.000 23.78864 ? 458 SER A CB  1 
ATOM   6   O OG  . SER A 1 1  ? -6.01683  13.73038  -1.28926  1.000 26.08109 ? 458 SER A OG  1 
ATOM   7   N N   . VAL A 1 2  ? -4.79468  10.92565  0.36550   1.000 21.52871 ? 459 VAL A N   1 
ATOM   8   C CA  . VAL A 1 2  ? -3.78100  9.89551   0.15778   1.000 22.87643 ? 459 VAL A CA  1 
ATOM   9   C C   . VAL A 1 2  ? -2.69969  10.38199  -0.79280  1.000 23.46717 ? 459 VAL A C   1 
ATOM   10  O O   . VAL A 1 2  ? -1.51073  10.13053  -0.57904  1.000 22.55761 ? 459 VAL A O   1 
ATOM   11  C CB  . VAL A 1 2  ? -4.43574  8.60100   -0.35113  1.000 22.63542 ? 459 VAL A CB  1 
ATOM   12  C CG1 . VAL A 1 2  ? -3.37428  7.57818   -0.68719  1.000 22.65752 ? 459 VAL A CG1 1 
ATOM   13  C CG2 . VAL A 1 2  ? -5.39898  8.05777   0.68743   1.000 22.84868 ? 459 VAL A CG2 1 
ATOM   14  N N   . SER A 1 3  ? -3.09020  11.13829  -1.82272  1.000 23.34767 ? 460 SER A N   1 
ATOM   15  C CA  . SER A 1 3  ? -2.14754  11.56434  -2.85078  1.000 23.65116 ? 460 SER A CA  1 
ATOM   16  C C   . SER A 1 3  ? -0.98958  12.39466  -2.30136  1.000 24.92461 ? 460 SER A C   1 
ATOM   17  O O   . SER A 1 3  ? 0.07552   12.41577  -2.92258  1.000 24.26767 ? 460 SER A O   1 
ATOM   18  C CB  . SER A 1 3  ? -2.88558  12.35577  -3.93030  1.000 24.99401 ? 460 SER A CB  1 
ATOM   19  O OG  . SER A 1 3  ? -3.59603  13.43134  -3.34752  1.000 28.52881 ? 460 SER A OG  1 
ATOM   20  N N   . LYS A 1 4  ? -1.15742  13.07376  -1.16548  1.000 24.96051 ? 461 LYS A N   1 
ATOM   21  C CA  . LYS A 1 4  ? -0.07500  13.83056  -0.53975  1.000 23.21083 ? 461 LYS A CA  1 
ATOM   22  C C   . LYS A 1 4  ? 0.60240   13.07475  0.60061   1.000 25.99270 ? 461 LYS A C   1 
ATOM   23  O O   . LYS A 1 4  ? 1.47349   13.63943  1.26812   1.000 25.60097 ? 461 LYS A O   1 
ATOM   24  C CB  . LYS A 1 4  ? -0.57553  15.19382  -0.01629  1.000 27.84659 ? 461 LYS A CB  1 
ATOM   25  C CG  . LYS A 1 4  ? -1.78839  15.17090  0.95452   1.000 34.74336 ? 461 LYS A CG  1 
ATOM   26  C CD  . LYS A 1 4  ? -1.50241  14.71463  2.42621   1.000 35.29212 ? 461 LYS A CD  1 
ATOM   27  C CE  . LYS A 1 4  ? -2.80040  14.76167  3.29794   1.000 27.49938 ? 461 LYS A CE  1 
ATOM   28  N NZ  . LYS A 1 4  ? -2.65472  14.54285  4.76702   1.000 29.55544 ? 461 LYS A NZ  1 
ATOM   29  N N   . TRP A 1 5  ? 0.21898   11.82723  0.86033   1.000 23.35041 ? 462 TRP A N   1 
ATOM   30  C CA  . TRP A 1 5  ? 0.81982   11.10776  1.97508   1.000 22.60890 ? 462 TRP A CA  1 
ATOM   31  C C   . TRP A 1 5  ? 2.30704   10.91673  1.73687   1.000 23.85402 ? 462 TRP A C   1 
ATOM   32  O O   . TRP A 1 5  ? 2.74427   10.64588  0.61463   1.000 24.08261 ? 462 TRP A O   1 
ATOM   33  C CB  . TRP A 1 5  ? 0.17063   9.74482   2.16832   1.000 23.62216 ? 462 TRP A CB  1 
ATOM   34  C CG  . TRP A 1 5  ? -1.16499  9.78499   2.81210   1.000 21.69172 ? 462 TRP A CG  1 
ATOM   35  C CD1 . TRP A 1 5  ? -1.89982  10.89845  3.13648   1.000 23.92308 ? 462 TRP A CD1 1 
ATOM   36  C CD2 . TRP A 1 5  ? -1.93951  8.65785   3.21560   1.000 23.39315 ? 462 TRP A CD2 1 
ATOM   37  N NE1 . TRP A 1 5  ? -3.08605  10.52320  3.72526   1.000 21.60340 ? 462 TRP A NE1 1 
ATOM   38  C CE2 . TRP A 1 5  ? -3.13440  9.15382   3.78327   1.000 20.55677 ? 462 TRP A CE2 1 
ATOM   39  C CE3 . TRP A 1 5  ? -1.73789  7.26972   3.15934   1.000 21.78931 ? 462 TRP A CE3 1 
ATOM   40  C CZ2 . TRP A 1 5  ? -4.12000  8.31469   4.27941   1.000 22.60127 ? 462 TRP A CZ2 1 
ATOM   41  C CZ3 . TRP A 1 5  ? -2.71985  6.44078   3.65238   1.000 21.49823 ? 462 TRP A CZ3 1 
ATOM   42  C CH2 . TRP A 1 5  ? -3.89656  6.96281   4.20225   1.000 23.93652 ? 462 TRP A CH2 1 
ATOM   43  N N   . SER A 1 6  ? 3.08282   11.06958  2.80082   1.000 21.07346 ? 463 SER A N   1 
ATOM   44  C CA  . SER A 1 6  ? 4.50121   10.79990  2.70877   1.000 23.22738 ? 463 SER A CA  1 
ATOM   45  C C   . SER A 1 6  ? 4.74762   9.30067   2.71109   1.000 24.26086 ? 463 SER A C   1 
ATOM   46  O O   . SER A 1 6  ? 3.84946   8.48005   2.90973   1.000 22.39954 ? 463 SER A O   1 
ATOM   47  C CB  . SER A 1 6  ? 5.26666   11.45093  3.86232   1.000 20.58919 ? 463 SER A CB  1 
ATOM   48  O OG  . SER A 1 6  ? 5.07161   10.71329  5.05846   1.000 22.11668 ? 463 SER A OG  1 
ATOM   49  N N   . THR A 1 7  ? 6.00413   8.96416   2.46232   1.000 22.34155 ? 464 THR A N   1 
ATOM   50  C CA  . THR A 1 7  ? 6.45418   7.58630   2.48952   1.000 21.98973 ? 464 THR A CA  1 
ATOM   51  C C   . THR A 1 7  ? 6.26190   6.96984   3.88052   1.000 24.65923 ? 464 THR A C   1 
ATOM   52  O O   . THR A 1 7  ? 5.84339   5.80904   4.00554   1.000 22.53782 ? 464 THR A O   1 
ATOM   53  C CB  . THR A 1 7  ? 7.91129   7.60343   2.01459   1.000 26.79068 ? 464 THR A CB  1 
ATOM   54  O OG1 . THR A 1 7  ? 8.11764   6.69647   0.92066   1.000 30.09308 ? 464 THR A OG1 1 
ATOM   55  C CG2 . THR A 1 7  ? 8.83210   7.36667   3.10623   1.000 24.96034 ? 464 THR A CG2 1 
ATOM   56  N N   . ASP A 1 8  ? 6.50175   7.74800   4.94125   1.000 21.72386 ? 465 ASP A N   1 
ATOM   57  C CA  . ASP A 1 8  ? 6.23835   7.24877   6.28657   1.000 23.63875 ? 465 ASP A CA  1 
ATOM   58  C C   . ASP A 1 8  ? 4.74588   7.05421   6.51089   1.000 22.89015 ? 465 ASP A C   1 
ATOM   59  O O   . ASP A 1 8  ? 4.32856   6.09785   7.17327   1.000 19.62506 ? 465 ASP A O   1 
ATOM   60  C CB  . ASP A 1 8  ? 6.80622   8.20830   7.33085   1.000 24.82433 ? 465 ASP A CB  1 
ATOM   61  C CG  . ASP A 1 8  ? 8.32439   8.14300   7.42768   1.000 28.19773 ? 465 ASP A CG  1 
ATOM   62  O OD1 . ASP A 1 8  ? 8.92464   9.08985   7.97621   1.000 32.20178 ? 465 ASP A OD1 1 
ATOM   63  O OD2 . ASP A 1 8  ? 8.91642   7.15576   6.95472   1.000 28.15900 ? 465 ASP A OD2 1 
ATOM   64  N N   . GLU A 1 9  ? 3.92548   7.94187   5.94858   1.000 22.64726 ? 466 GLU A N   1 
ATOM   65  C CA  . GLU A 1 9  ? 2.48656   7.85689   6.16505   1.000 21.60219 ? 466 GLU A CA  1 
ATOM   66  C C   . GLU A 1 9  ? 1.87697   6.64602   5.46789   1.000 23.08284 ? 466 GLU A C   1 
ATOM   67  O O   . GLU A 1 9  ? 0.91815   6.05603   5.97787   1.000 22.67399 ? 466 GLU A O   1 
ATOM   68  C CB  . GLU A 1 9  ? 1.82773   9.15271   5.70379   1.000 21.61544 ? 466 GLU A CB  1 
ATOM   69  C CG  . GLU A 1 9  ? 2.02312   10.26876  6.72781   1.000 24.21272 ? 466 GLU A CG  1 
ATOM   70  C CD  . GLU A 1 9  ? 1.60349   11.62518  6.22501   1.000 25.48874 ? 466 GLU A CD  1 
ATOM   71  O OE1 . GLU A 1 9  ? 1.68051   11.86554  4.99546   1.000 27.24923 ? 466 GLU A OE1 1 
ATOM   72  O OE2 . GLU A 1 9  ? 1.22275   12.45882  7.07012   1.000 27.73200 ? 466 GLU A OE2 1 
ATOM   73  N N   . VAL A 1 10 ? 2.42034   6.24374   4.32165   1.000 20.41702 ? 467 VAL A N   1 
ATOM   74  C CA  . VAL A 1 10 ? 1.91302   5.04165   3.66701   1.000 21.42472 ? 467 VAL A CA  1 
ATOM   75  C C   . VAL A 1 10 ? 2.30973   3.80926   4.46194   1.000 21.29246 ? 467 VAL A C   1 
ATOM   76  O O   . VAL A 1 10 ? 1.48149   2.92726   4.72480   1.000 20.71697 ? 467 VAL A O   1 
ATOM   77  C CB  . VAL A 1 10 ? 2.40899   4.97072   2.21288   1.000 21.28317 ? 467 VAL A CB  1 
ATOM   78  C CG1 . VAL A 1 10 ? 2.14995   3.60598   1.60840   1.000 22.91731 ? 467 VAL A CG1 1 
ATOM   79  C CG2 . VAL A 1 10 ? 1.72446   6.03870   1.39173   1.000 21.81318 ? 467 VAL A CG2 1 
ATOM   80  N N   . SER A 1 11 ? 3.57834   3.74272   4.87913   1.000 18.98010 ? 468 SER A N   1 
ATOM   81  C CA  . SER A 1 11 ? 4.05527   2.58300   5.62073   1.000 22.11791 ? 468 SER A CA  1 
ATOM   82  C C   . SER A 1 11 ? 3.30032   2.41526   6.93428   1.000 21.81666 ? 468 SER A C   1 
ATOM   83  O O   . SER A 1 11 ? 2.93579   1.29549   7.31208   1.000 23.35573 ? 468 SER A O   1 
ATOM   84  C CB  . SER A 1 11 ? 5.55174   2.71345   5.88067   1.000 23.64704 ? 468 SER A CB  1 
ATOM   85  O OG  . SER A 1 11 ? 5.95799   1.76487   6.83618   1.000 20.80199 ? 468 SER A OG  1 
ATOM   86  N N   . GLU A 1 12 ? 3.05546   3.52031   7.64062   1.000 23.43900 ? 469 GLU A N   1 
ATOM   87  C CA  . GLU A 1 12 ? 2.21873   3.47903   8.83632   1.000 23.86621 ? 469 GLU A CA  1 
ATOM   88  C C   . GLU A 1 12 ? 0.81812   2.98212   8.51027   1.000 23.40508 ? 469 GLU A C   1 
ATOM   89  O O   . GLU A 1 12 ? 0.24156   2.18527   9.25995   1.000 22.95026 ? 469 GLU A O   1 
ATOM   90  C CB  . GLU A 1 12 ? 2.13240   4.86531   9.46686   1.000 24.95124 ? 469 GLU A CB  1 
ATOM   91  C CG  . GLU A 1 12 ? 3.24418   5.20960   10.40517  1.000 31.62746 ? 469 GLU A CG  1 
ATOM   92  C CD  . GLU A 1 12 ? 3.61493   6.66821   10.30123  1.000 36.87046 ? 469 GLU A CD  1 
ATOM   93  O OE1 . GLU A 1 12 ? 2.71610   7.47860   9.97055   1.000 39.34084 ? 469 GLU A OE1 1 
ATOM   94  O OE2 . GLU A 1 12 ? 4.78931   7.00284   10.57018  1.000 42.36913 ? 469 GLU A OE2 1 
ATOM   95  N N   . PHE A 1 13 ? 0.22965   3.47056   7.41293   1.000 22.07070 ? 470 PHE A N   1 
ATOM   96  C CA  . PHE A 1 13 ? -1.12602  3.02637   7.09289   1.000 22.41036 ? 470 PHE A CA  1 
ATOM   97  C C   . PHE A 1 13 ? -1.15795  1.52941   6.81715   1.000 22.37390 ? 470 PHE A C   1 
ATOM   98  O O   . PHE A 1 13 ? -2.06079  0.81782   7.28085   1.000 22.66608 ? 470 PHE A O   1 
ATOM   99  C CB  . PHE A 1 13 ? -1.70265  3.77500   5.88968   1.000 23.23520 ? 470 PHE A CB  1 
ATOM   100 C CG  . PHE A 1 13 ? -2.92062  3.09516   5.31417   1.000 25.17369 ? 470 PHE A CG  1 
ATOM   101 C CD1 . PHE A 1 13 ? -4.15555  3.23901   5.92619   1.000 23.69348 ? 470 PHE A CD1 1 
ATOM   102 C CD2 . PHE A 1 13 ? -2.81948  2.25977   4.20637   1.000 24.34729 ? 470 PHE A CD2 1 
ATOM   103 C CE1 . PHE A 1 13 ? -5.26732  2.58970   5.43185   1.000 26.21162 ? 470 PHE A CE1 1 
ATOM   104 C CE2 . PHE A 1 13 ? -3.92866  1.61051   3.70669   1.000 21.72884 ? 470 PHE A CE2 1 
ATOM   105 C CZ  . PHE A 1 13 ? -5.15284  1.77083   4.31742   1.000 26.18790 ? 470 PHE A CZ  1 
ATOM   106 N N   . ILE A 1 14 ? -0.19372  1.03813   6.03921   1.000 21.51360 ? 471 ILE A N   1 
ATOM   107 C CA  . ILE A 1 14 ? -0.16615  -0.38234  5.70827   1.000 21.11325 ? 471 ILE A CA  1 
ATOM   108 C C   . ILE A 1 14 ? -0.04613  -1.22624  6.96994   1.000 21.65580 ? 471 ILE A C   1 
ATOM   109 O O   . ILE A 1 14 ? -0.69964  -2.26746  7.09639   1.000 21.05108 ? 471 ILE A O   1 
ATOM   110 C CB  . ILE A 1 14 ? 0.95490   -0.65310  4.69326   1.000 23.09306 ? 471 ILE A CB  1 
ATOM   111 C CG1 . ILE A 1 14 ? 0.39352   -0.32508  3.31209   1.000 26.04639 ? 471 ILE A CG1 1 
ATOM   112 C CG2 . ILE A 1 14 ? 1.42157   -2.10501  4.74786   1.000 20.57121 ? 471 ILE A CG2 1 
ATOM   113 C CD1 . ILE A 1 14 ? 1.39310   -0.02508  2.35653   1.000 30.37989 ? 471 ILE A CD1 1 
ATOM   114 N N   . GLN A 1 15 ? 0.75479   -0.77646  7.94193   1.000 24.09399 ? 472 GLN A N   1 
ATOM   115 C CA  . GLN A 1 15 ? 0.86315   -1.52228  9.19390   1.000 22.31372 ? 472 GLN A CA  1 
ATOM   116 C C   . GLN A 1 15 ? -0.43933  -1.51795  9.96923   1.000 23.47795 ? 472 GLN A C   1 
ATOM   117 O O   . GLN A 1 15 ? -0.67041  -2.42637  10.77455  1.000 26.35044 ? 472 GLN A O   1 
ATOM   118 C CB  . GLN A 1 15 ? 1.97538   -0.95015  10.06725  1.000 23.97339 ? 472 GLN A CB  1 
ATOM   119 C CG  . GLN A 1 15 ? 3.31874   -0.94886  9.38426   1.000 24.81450 ? 472 GLN A CG  1 
ATOM   120 C CD  . GLN A 1 15 ? 4.37445   -0.28355  10.22090  1.000 27.51893 ? 472 GLN A CD  1 
ATOM   121 O OE1 . GLN A 1 15 ? 4.53729   -0.60048  11.39891  1.000 30.98785 ? 472 GLN A OE1 1 
ATOM   122 N NE2 . GLN A 1 15 ? 5.10744   0.64497   9.62039   1.000 31.54715 ? 472 GLN A NE2 1 
ATOM   123 N N   . SER A 1 16 ? -1.28917  -0.52288  9.73440   1.000 21.60788 ? 473 SER A N   1 
ATOM   124 C CA  . SER A 1 16 ? -2.57695  -0.41942  10.40320  1.000 26.65006 ? 473 SER A CA  1 
ATOM   125 C C   . SER A 1 16 ? -3.62120  -1.36808  9.83684   1.000 26.37870 ? 473 SER A C   1 
ATOM   126 O O   . SER A 1 16 ? -4.69461  -1.50473  10.43665  1.000 26.82284 ? 473 SER A O   1 
ATOM   127 C CB  . SER A 1 16 ? -3.09806  1.01375   10.30772  1.000 24.67968 ? 473 SER A CB  1 
ATOM   128 O OG  . SER A 1 16 ? -3.76689  1.19896   9.07244   1.000 24.04033 ? 473 SER A OG  1 
ATOM   129 N N   . LEU A 1 17 ? -3.34878  -2.00711  8.69713   1.000 22.84426 ? 474 LEU A N   1 
ATOM   130 C CA  . LEU A 1 17 ? -4.32473  -2.94465  8.16309   1.000 25.45060 ? 474 LEU A CA  1 
ATOM   131 C C   . LEU A 1 17 ? -4.16467  -4.30147  8.84851   1.000 24.70068 ? 474 LEU A C   1 
ATOM   132 O O   . LEU A 1 17 ? -3.04525  -4.70553  9.16748   1.000 23.69221 ? 474 LEU A O   1 
ATOM   133 C CB  . LEU A 1 17 ? -4.16473  -3.09974  6.64643   1.000 22.99872 ? 474 LEU A CB  1 
ATOM   134 C CG  . LEU A 1 17 ? -4.40715  -1.85227  5.79128   1.000 23.89956 ? 474 LEU A CG  1 
ATOM   135 C CD1 . LEU A 1 17 ? -3.87560  -2.06070  4.37811   1.000 25.42374 ? 474 LEU A CD1 1 
ATOM   136 C CD2 . LEU A 1 17 ? -5.87924  -1.51159  5.76338   1.000 27.20631 ? 474 LEU A CD2 1 
ATOM   137 N N   . PRO A 1 18 ? -5.26417  -5.00864  9.10611   1.000 23.82142 ? 475 PRO A N   1 
ATOM   138 C CA  . PRO A 1 18 ? -5.16717  -6.29075  9.82160   1.000 26.82593 ? 475 PRO A CA  1 
ATOM   139 C C   . PRO A 1 18 ? -4.27846  -7.29022  9.08885   1.000 24.92931 ? 475 PRO A C   1 
ATOM   140 O O   . PRO A 1 18 ? -4.42437  -7.52048  7.88441   1.000 24.06196 ? 475 PRO A O   1 
ATOM   141 C CB  . PRO A 1 18 ? -6.62426  -6.76968  9.89147   1.000 26.90389 ? 475 PRO A CB  1 
ATOM   142 C CG  . PRO A 1 18 ? -7.35249  -5.96945  8.83870   1.000 29.44501 ? 475 PRO A CG  1 
ATOM   143 C CD  . PRO A 1 18 ? -6.65537  -4.64841  8.78881   1.000 26.71098 ? 475 PRO A CD  1 
ATOM   144 N N   . GLY A 1 19 ? -3.34212  -7.87845  9.82993   1.000 21.98039 ? 476 GLY A N   1 
ATOM   145 C CA  . GLY A 1 19 ? -2.45185  -8.86740  9.25886   1.000 23.24248 ? 476 GLY A CA  1 
ATOM   146 C C   . GLY A 1 19 ? -1.36056  -8.31775  8.37043   1.000 23.79458 ? 476 GLY A C   1 
ATOM   147 O O   . GLY A 1 19 ? -0.64496  -9.10094  7.74368   1.000 23.13831 ? 476 GLY A O   1 
ATOM   148 N N   . CYS A 1 20 ? -1.18811  -6.99904  8.30549   1.000 23.78749 ? 477 CYS A N   1 
ATOM   149 C CA  . CYS A 1 20 ? -0.24796  -6.39910  7.36593   1.000 22.32353 ? 477 CYS A CA  1 
ATOM   150 C C   . CYS A 1 20 ? 0.92430   -5.70565  8.04262   1.000 22.03110 ? 477 CYS A C   1 
ATOM   151 O O   . CYS A 1 20 ? 1.68522   -5.00763  7.36793   1.000 23.12120 ? 477 CYS A O   1 
ATOM   152 C CB  . CYS A 1 20 ? -0.98532  -5.41574  6.46139   1.000 23.54779 ? 477 CYS A CB  1 
ATOM   153 S SG  . CYS A 1 20 ? -2.14641  -6.22587  5.36774   1.000 23.55595 ? 477 CYS A SG  1 
ATOM   154 N N   . GLU A 1 21 ? 1.10161   -5.89981  9.35059   1.000 24.15655 ? 478 GLU A N   1 
ATOM   155 C CA  . GLU A 1 21 ? 2.14239   -5.18531  10.09213  1.000 24.57732 ? 478 GLU A CA  1 
ATOM   156 C C   . GLU A 1 21 ? 3.54313   -5.40649  9.50335   1.000 24.85816 ? 478 GLU A C   1 
ATOM   157 O O   . GLU A 1 21 ? 4.36654   -4.48100  9.48636   1.000 23.35273 ? 478 GLU A O   1 
ATOM   158 C CB  . GLU A 1 21 ? 2.09628   -5.61014  11.55837  1.000 27.13597 ? 478 GLU A CB  1 
ATOM   159 C CG  . GLU A 1 21 ? 0.81025   -5.19789  12.27701  1.000 24.87802 ? 478 GLU A CG  1 
ATOM   160 C CD  . GLU A 1 21 ? -0.28153  -6.24817  12.20224  1.000 29.99006 ? 478 GLU A CD  1 
ATOM   161 O OE1 . GLU A 1 21 ? -0.20253  -7.16475  11.34675  1.000 26.44230 ? 478 GLU A OE1 1 
ATOM   162 O OE2 . GLU A 1 21 ? -1.23078  -6.16023  13.01448  1.000 34.65476 ? 478 GLU A OE2 1 
ATOM   163 N N   . GLU A 1 22 ? 3.82907   -6.61087  8.99277   1.000 20.30221 ? 479 GLU A N   1 
ATOM   164 C CA  . GLU A 1 22 ? 5.17789   -6.90721  8.50543   1.000 22.10038 ? 479 GLU A CA  1 
ATOM   165 C C   . GLU A 1 22 ? 5.54271   -6.13781  7.24464   1.000 23.48083 ? 479 GLU A C   1 
ATOM   166 O O   . GLU A 1 22 ? 6.72413   -6.08603  6.89060   1.000 21.42563 ? 479 GLU A O   1 
ATOM   167 C CB  . GLU A 1 22 ? 5.33562   -8.40087  8.22210   1.000 20.55571 ? 479 GLU A CB  1 
ATOM   168 C CG  . GLU A 1 22 ? 4.67015   -8.84815  6.92575   1.000 23.77249 ? 479 GLU A CG  1 
ATOM   169 C CD  . GLU A 1 22 ? 4.59507   -10.36190 6.78806   1.000 23.95609 ? 479 GLU A CD  1 
ATOM   170 O OE1 . GLU A 1 22 ? 5.45794   -10.95050 6.10716   1.000 23.99246 ? 479 GLU A OE1 1 
ATOM   171 O OE2 . GLU A 1 22 ? 3.69263   -10.96806 7.38494   1.000 25.39462 ? 479 GLU A OE2 1 
ATOM   172 N N   . HIS A 1 23 ? 4.56687   -5.54645  6.56493   1.000 22.19328 ? 480 HIS A N   1 
ATOM   173 C CA  . HIS A 1 23 ? 4.76721   -4.98269  5.24148   1.000 23.34083 ? 480 HIS A CA  1 
ATOM   174 C C   . HIS A 1 23 ? 5.07212   -3.49422  5.25930   1.000 22.64220 ? 480 HIS A C   1 
ATOM   175 O O   . HIS A 1 23 ? 5.33066   -2.92529  4.19892   1.000 24.16950 ? 480 HIS A O   1 
ATOM   176 C CB  . HIS A 1 23 ? 3.53123   -5.25222  4.37796   1.000 22.44658 ? 480 HIS A CB  1 
ATOM   177 C CG  . HIS A 1 23 ? 3.21625   -6.70727  4.23693   1.000 22.22951 ? 480 HIS A CG  1 
ATOM   178 N ND1 . HIS A 1 23 ? 4.12219   -7.61194  3.72608   1.000 22.25949 ? 480 HIS A ND1 1 
ATOM   179 C CD2 . HIS A 1 23 ? 2.11069   -7.42006  4.56108   1.000 20.51088 ? 480 HIS A CD2 1 
ATOM   180 C CE1 . HIS A 1 23 ? 3.58286   -8.81897  3.72947   1.000 22.81969 ? 480 HIS A CE1 1 
ATOM   181 N NE2 . HIS A 1 23 ? 2.36138   -8.73021  4.22858   1.000 23.46030 ? 480 HIS A NE2 1 
ATOM   182 N N   . GLY A 1 24 ? 5.05284   -2.85215  6.42384   1.000 22.52699 ? 481 GLY A N   1 
ATOM   183 C CA  . GLY A 1 24 ? 5.46370   -1.45890  6.48569   1.000 22.69054 ? 481 GLY A CA  1 
ATOM   184 C C   . GLY A 1 24 ? 6.84184   -1.22403  5.89844   1.000 24.75768 ? 481 GLY A C   1 
ATOM   185 O O   . GLY A 1 24 ? 7.06235   -0.24243  5.18769   1.000 24.94449 ? 481 GLY A O   1 
ATOM   186 N N   . LYS A 1 25 ? 7.78536   -2.13171  6.17016   1.000 23.94165 ? 482 LYS A N   1 
ATOM   187 C CA  . LYS A 1 25 ? 9.17632   -1.89324  5.78848   1.000 23.75098 ? 482 LYS A CA  1 
ATOM   188 C C   . LYS A 1 25 ? 9.35219   -1.92684  4.27658   1.000 22.62663 ? 482 LYS A C   1 
ATOM   189 O O   . LYS A 1 25 ? 10.04600  -1.07549  3.70597   1.000 20.91275 ? 482 LYS A O   1 
ATOM   190 C CB  . LYS A 1 25 ? 10.10021  -2.92060  6.45313   1.000 22.29833 ? 482 LYS A CB  1 
ATOM   191 C CG  . LYS A 1 25 ? 11.56723  -2.82592  6.00425   1.000 25.26687 ? 482 LYS A CG  1 
ATOM   192 C CD  . LYS A 1 25 ? 12.50101  -3.53179  6.99400   1.000 24.59045 ? 482 LYS A CD  1 
ATOM   193 C CE  . LYS A 1 25 ? 13.98635  -3.40886  6.59924   1.000 32.24280 ? 482 LYS A CE  1 
ATOM   194 N NZ  . LYS A 1 25 ? 14.22036  -3.35660  5.12913   1.000 30.77694 ? 482 LYS A NZ  1 
ATOM   195 N N   . VAL A 1 26 ? 8.75367   -2.92209  3.61301   1.000 23.09259 ? 483 VAL A N   1 
ATOM   196 C CA  . VAL A 1 26 ? 8.95339   -3.06472  2.17237   1.000 23.35319 ? 483 VAL A CA  1 
ATOM   197 C C   . VAL A 1 26 ? 8.37611   -1.86553  1.43095   1.000 23.94774 ? 483 VAL A C   1 
ATOM   198 O O   . VAL A 1 26 ? 8.95822   -1.39114  0.45098   1.000 22.03120 ? 483 VAL A O   1 
ATOM   199 C CB  . VAL A 1 26 ? 8.36540   -4.39689  1.66151   1.000 24.41102 ? 483 VAL A CB  1 
ATOM   200 C CG1 . VAL A 1 26 ? 6.83208   -4.41429  1.76442   1.000 22.37974 ? 483 VAL A CG1 1 
ATOM   201 C CG2 . VAL A 1 26 ? 8.78865   -4.65023  0.23260   1.000 24.66542 ? 483 VAL A CG2 1 
ATOM   202 N N   . PHE A 1 27 ? 7.22835   -1.34999  1.88105   1.000 22.20575 ? 484 PHE A N   1 
ATOM   203 C CA  . PHE A 1 27 ? 6.69169   -0.14997  1.25297   1.000 22.67880 ? 484 PHE A CA  1 
ATOM   204 C C   . PHE A 1 27 ? 7.61407   1.04135   1.46454   1.000 23.32446 ? 484 PHE A C   1 
ATOM   205 O O   . PHE A 1 27 ? 7.85523   1.82295   0.53796   1.000 24.11536 ? 484 PHE A O   1 
ATOM   206 C CB  . PHE A 1 27 ? 5.29984   0.14243   1.79363   1.000 23.38260 ? 484 PHE A CB  1 
ATOM   207 C CG  . PHE A 1 27 ? 4.22908   -0.58343  1.05723   1.000 25.60296 ? 484 PHE A CG  1 
ATOM   208 C CD1 . PHE A 1 27 ? 3.92327   -1.90016  1.37780   1.000 24.89871 ? 484 PHE A CD1 1 
ATOM   209 C CD2 . PHE A 1 27 ? 3.55813   0.02883   0.01645   1.000 26.53592 ? 484 PHE A CD2 1 
ATOM   210 C CE1 . PHE A 1 27 ? 2.94472   -2.58451  0.67972   1.000 25.89097 ? 484 PHE A CE1 1 
ATOM   211 C CE2 . PHE A 1 27 ? 2.57020   -0.65090  -0.68366  1.000 26.23641 ? 484 PHE A CE2 1 
ATOM   212 C CZ  . PHE A 1 27 ? 2.26739   -1.95365  -0.34698  1.000 27.20394 ? 484 PHE A CZ  1 
ATOM   213 N N   . LYS A 1 28 ? 8.13538   1.19851   2.68020   1.000 21.56297 ? 485 LYS A N   1 
ATOM   214 C CA  . LYS A 1 28 ? 9.07469   2.28263   2.93526   1.000 24.90639 ? 485 LYS A CA  1 
ATOM   215 C C   . LYS A 1 28 ? 10.34379  2.09921   2.10951   1.000 23.25324 ? 485 LYS A C   1 
ATOM   216 O O   . LYS A 1 28 ? 10.82881  3.05116   1.48029   1.000 22.89890 ? 485 LYS A O   1 
ATOM   217 C CB  . LYS A 1 28 ? 9.38155   2.34674   4.43287   1.000 24.10733 ? 485 LYS A CB  1 
ATOM   218 C CG  . LYS A 1 28 ? 10.55439  3.22910   4.79875   1.000 28.03196 ? 485 LYS A CG  1 
ATOM   219 C CD  . LYS A 1 28 ? 10.17514  4.68935   4.76255   1.000 25.27746 ? 485 LYS A CD  1 
ATOM   220 C CE  . LYS A 1 28 ? 11.27495  5.56085   5.34274   1.000 28.48643 ? 485 LYS A CE  1 
ATOM   221 N NZ  . LYS A 1 28 ? 10.94298  7.01252   5.28588   1.000 29.25401 ? 485 LYS A NZ  1 
ATOM   222 N N   . ASP A 1 29 ? 10.86412  0.86645   2.06344   1.000 21.65986 ? 486 ASP A N   1 
ATOM   223 C CA  . ASP A 1 29 ? 12.08530  0.58445   1.31331   1.000 24.83624 ? 486 ASP A CA  1 
ATOM   224 C C   . ASP A 1 29 ? 11.93281  0.92718   -0.16285  1.000 24.76386 ? 486 ASP A C   1 
ATOM   225 O O   . ASP A 1 29 ? 12.88278  1.40666   -0.79074  1.000 23.73081 ? 486 ASP A O   1 
ATOM   226 C CB  . ASP A 1 29 ? 12.47807  -0.88640  1.46116   1.000 24.81826 ? 486 ASP A CB  1 
ATOM   227 C CG  . ASP A 1 29 ? 13.08297  -1.19897  2.81253   1.000 26.50316 ? 486 ASP A CG  1 
ATOM   228 O OD1 . ASP A 1 29 ? 13.49467  -0.25469  3.51317   1.000 23.65850 ? 486 ASP A OD1 1 
ATOM   229 O OD2 . ASP A 1 29 ? 13.13686  -2.39302  3.17541   1.000 29.59991 ? 486 ASP A OD2 1 
ATOM   230 N N   . GLU A 1 30 ? 10.76705  0.65538   -0.74571  1.000 23.48140 ? 487 GLU A N   1 
ATOM   231 C CA  . GLU A 1 30 ? 10.54398  0.93681   -2.16057  1.000 23.36878 ? 487 GLU A CA  1 
ATOM   232 C C   . GLU A 1 30 ? 10.07348  2.36192   -2.41171  1.000 23.65260 ? 487 GLU A C   1 
ATOM   233 O O   . GLU A 1 30 ? 9.66216   2.67643   -3.53595  1.000 23.46995 ? 487 GLU A O   1 
ATOM   234 C CB  . GLU A 1 30 ? 9.53706   -0.05256  -2.75343  1.000 23.80956 ? 487 GLU A CB  1 
ATOM   235 C CG  . GLU A 1 30 ? 10.01460  -1.48299  -2.73920  1.000 23.00568 ? 487 GLU A CG  1 
ATOM   236 C CD  . GLU A 1 30 ? 11.08253  -1.74818  -3.77634  1.000 26.39270 ? 487 GLU A CD  1 
ATOM   237 O OE1 . GLU A 1 30 ? 11.11397  -1.04710  -4.81150  1.000 22.56995 ? 487 GLU A OE1 1 
ATOM   238 O OE2 . GLU A 1 30 ? 11.89530  -2.66334  -3.55529  1.000 31.12174 ? 487 GLU A OE2 1 
ATOM   239 N N   . GLN A 1 31 ? 10.10124  3.22024   -1.39230  1.000 22.96533 ? 488 GLN A N   1 
ATOM   240 C CA  . GLN A 1 31 ? 9.75304   4.63623   -1.54468  1.000 24.27559 ? 488 GLN A CA  1 
ATOM   241 C C   . GLN A 1 31 ? 8.33966   4.82129   -2.09766  1.000 22.27206 ? 488 GLN A C   1 
ATOM   242 O O   . GLN A 1 31 ? 8.08706   5.66405   -2.96595  1.000 21.11458 ? 488 GLN A O   1 
ATOM   243 C CB  . GLN A 1 31 ? 10.79369  5.35533   -2.40942  1.000 21.81568 ? 488 GLN A CB  1 
ATOM   244 C CG  . GLN A 1 31 ? 12.18046  5.27550   -1.79078  1.000 23.52065 ? 488 GLN A CG  1 
ATOM   245 C CD  . GLN A 1 31 ? 13.24746  6.01416   -2.58909  1.000 23.58681 ? 488 GLN A CD  1 
ATOM   246 O OE1 . GLN A 1 31 ? 12.98890  6.54806   -3.66698  1.000 23.55139 ? 488 GLN A OE1 1 
ATOM   247 N NE2 . GLN A 1 31 ? 14.44639  6.05325   -2.05159  1.000 24.19044 ? 488 GLN A NE2 1 
ATOM   248 N N   . ILE A 1 32 ? 7.39804   4.02831   -1.58223  1.000 21.99323 ? 489 ILE A N   1 
ATOM   249 C CA  . ILE A 1 32 ? 5.99072   4.18689   -1.93770  1.000 21.05489 ? 489 ILE A CA  1 
ATOM   250 C C   . ILE A 1 32 ? 5.42456   5.33475   -1.10887  1.000 20.77501 ? 489 ILE A C   1 
ATOM   251 O O   . ILE A 1 32 ? 4.99406   5.13096   0.02637   1.000 22.89419 ? 489 ILE A O   1 
ATOM   252 C CB  . ILE A 1 32 ? 5.19077   2.90323   -1.71147  1.000 22.40428 ? 489 ILE A CB  1 
ATOM   253 C CG1 . ILE A 1 32 ? 5.92108   1.69081   -2.30175  1.000 22.41174 ? 489 ILE A CG1 1 
ATOM   254 C CG2 . ILE A 1 32 ? 3.76262   3.07929   -2.25380  1.000 20.23157 ? 489 ILE A CG2 1 
ATOM   255 C CD1 . ILE A 1 32 ? 6.10268   1.75031   -3.78655  1.000 21.38133 ? 489 ILE A CD1 1 
ATOM   256 N N   . ASP A 1 33 ? 5.40224   6.54187   -1.66813  1.000 20.75284 ? 490 ASP A N   1 
ATOM   257 C CA  . ASP A 1 33 ? 4.63896   7.60305   -1.03806  1.000 22.60523 ? 490 ASP A CA  1 
ATOM   258 C C   . ASP A 1 33 ? 3.17793   7.48426   -1.48163  1.000 21.61803 ? 490 ASP A C   1 
ATOM   259 O O   . ASP A 1 33 ? 2.79356   6.54790   -2.19042  1.000 22.16661 ? 490 ASP A O   1 
ATOM   260 C CB  . ASP A 1 33 ? 5.24389   8.97698   -1.34727  1.000 19.82232 ? 490 ASP A CB  1 
ATOM   261 C CG  . ASP A 1 33 ? 5.17998   9.33434   -2.82198  1.000 25.09706 ? 490 ASP A CG  1 
ATOM   262 O OD1 . ASP A 1 33 ? 4.74815   8.49131   -3.63774  1.000 23.07161 ? 490 ASP A OD1 1 
ATOM   263 O OD2 . ASP A 1 33 ? 5.58030   10.46369  -3.17120  1.000 24.03365 ? 490 ASP A OD2 1 
ATOM   264 N N   . GLY A 1 34 ? 2.34357   8.43086   -1.04821  1.000 21.17226 ? 491 GLY A N   1 
ATOM   265 C CA  . GLY A 1 34 ? 0.92390   8.34413   -1.36494  1.000 22.26147 ? 491 GLY A CA  1 
ATOM   266 C C   . GLY A 1 34 ? 0.65172   8.40442   -2.85436  1.000 22.28066 ? 491 GLY A C   1 
ATOM   267 O O   . GLY A 1 34 ? -0.20667  7.68290   -3.37386  1.000 22.29497 ? 491 GLY A O   1 
ATOM   268 N N   . GLU A 1 35 ? 1.37515   9.26921   -3.56306  1.000 21.83724 ? 492 GLU A N   1 
ATOM   269 C CA  . GLU A 1 35 ? 1.20210   9.36656   -5.00401  1.000 22.38431 ? 492 GLU A CA  1 
ATOM   270 C C   . GLU A 1 35 ? 1.50287   8.03146   -5.69025  1.000 23.36969 ? 492 GLU A C   1 
ATOM   271 O O   . GLU A 1 35 ? 0.72227   7.56719   -6.52805  1.000 24.36824 ? 492 GLU A O   1 
ATOM   272 C CB  . GLU A 1 35 ? 2.08920   10.48724  -5.55071  1.000 25.04512 ? 492 GLU A CB  1 
ATOM   273 C CG  . GLU A 1 35 ? 2.14301   10.56226  -7.07028  1.000 27.64259 ? 492 GLU A CG  1 
ATOM   274 C CD  . GLU A 1 35 ? 2.79933   11.84270  -7.57100  1.000 31.89880 ? 492 GLU A CD  1 
ATOM   275 O OE1 . GLU A 1 35 ? 2.81647   12.83931  -6.81617  1.000 37.43802 ? 492 GLU A OE1 1 
ATOM   276 O OE2 . GLU A 1 35 ? 3.28888   11.85673  -8.71998  1.000 33.42113 ? 492 GLU A OE2 1 
ATOM   277 N N   . ALA A 1 36 ? 2.61337   7.38422   -5.33074  1.000 20.17118 ? 493 ALA A N   1 
ATOM   278 C CA  . ALA A 1 36 ? 2.92066   6.08232   -5.91742  1.000 21.08741 ? 493 ALA A CA  1 
ATOM   279 C C   . ALA A 1 36 ? 1.93545   5.02041   -5.44925  1.000 21.63703 ? 493 ALA A C   1 
ATOM   280 O O   . ALA A 1 36 ? 1.57640   4.11632   -6.21382  1.000 20.80551 ? 493 ALA A O   1 
ATOM   281 C CB  . ALA A 1 36 ? 4.35264   5.67166   -5.56763  1.000 22.05245 ? 493 ALA A CB  1 
ATOM   282 N N   . PHE A 1 37 ? 1.49561   5.11491   -4.19164  1.000 21.01325 ? 494 PHE A N   1 
ATOM   283 C CA  . PHE A 1 37 ? 0.57020   4.13553   -3.62820  1.000 22.12759 ? 494 PHE A CA  1 
ATOM   284 C C   . PHE A 1 37 ? -0.68432  4.00895   -4.48284  1.000 22.89271 ? 494 PHE A C   1 
ATOM   285 O O   . PHE A 1 37 ? -1.14047  2.89779   -4.76610  1.000 24.31539 ? 494 PHE A O   1 
ATOM   286 C CB  . PHE A 1 37 ? 0.21953   4.54014   -2.19033  1.000 21.57353 ? 494 PHE A CB  1 
ATOM   287 C CG  . PHE A 1 37 ? -0.58957  3.51458   -1.43243  1.000 23.20378 ? 494 PHE A CG  1 
ATOM   288 C CD1 . PHE A 1 37 ? -0.25546  2.16964   -1.47207  1.000 22.80395 ? 494 PHE A CD1 1 
ATOM   289 C CD2 . PHE A 1 37 ? -1.67260  3.90624   -0.66596  1.000 23.04712 ? 494 PHE A CD2 1 
ATOM   290 C CE1 . PHE A 1 37 ? -0.98962  1.23133   -0.77107  1.000 23.38383 ? 494 PHE A CE1 1 
ATOM   291 C CE2 . PHE A 1 37 ? -2.41461  2.97073   0.04428   1.000 26.62168 ? 494 PHE A CE2 1 
ATOM   292 C CZ  . PHE A 1 37 ? -2.06569  1.63145   -0.00590  1.000 23.48190 ? 494 PHE A CZ  1 
ATOM   293 N N   . LEU A 1 38 ? -1.22543  5.13826   -4.94273  1.000 22.68226 ? 495 LEU A N   1 
ATOM   294 C CA  . LEU A 1 38 ? -2.45686  5.14892   -5.72664  1.000 24.24431 ? 495 LEU A CA  1 
ATOM   295 C C   . LEU A 1 38 ? -2.26096  4.66858   -7.15768  1.000 26.16378 ? 495 LEU A C   1 
ATOM   296 O O   . LEU A 1 38 ? -3.25730  4.42634   -7.84834  1.000 25.62887 ? 495 LEU A O   1 
ATOM   297 C CB  . LEU A 1 38 ? -3.05655  6.55423   -5.74534  1.000 23.86190 ? 495 LEU A CB  1 
ATOM   298 C CG  . LEU A 1 38 ? -3.61004  7.03628   -4.40069  1.000 27.24996 ? 495 LEU A CG  1 
ATOM   299 C CD1 . LEU A 1 38 ? -4.17870  8.44353   -4.51401  1.000 25.05458 ? 495 LEU A CD1 1 
ATOM   300 C CD2 . LEU A 1 38 ? -4.66238  6.06887   -3.89134  1.000 27.24873 ? 495 LEU A CD2 1 
ATOM   301 N N   . LEU A 1 39 ? -1.01831  4.51652   -7.61101  1.000 22.17098 ? 496 LEU A N   1 
ATOM   302 C CA  . LEU A 1 39 ? -0.72758  3.97224   -8.93138  1.000 23.80548 ? 496 LEU A CA  1 
ATOM   303 C C   . LEU A 1 39 ? -0.50481  2.46672   -8.92569  1.000 23.95359 ? 496 LEU A C   1 
ATOM   304 O O   . LEU A 1 39 ? -0.38566  1.87203   -10.00136 1.000 23.44798 ? 496 LEU A O   1 
ATOM   305 C CB  . LEU A 1 39 ? 0.51303   4.65764   -9.51699  1.000 21.38350 ? 496 LEU A CB  1 
ATOM   306 C CG  . LEU A 1 39 ? 0.37512   6.17513   -9.63582  1.000 22.77011 ? 496 LEU A CG  1 
ATOM   307 C CD1 . LEU A 1 39 ? 1.69966   6.81835   -9.97408  1.000 23.53786 ? 496 LEU A CD1 1 
ATOM   308 C CD2 . LEU A 1 39 ? -0.65322  6.51827   -10.68879 1.000 25.48057 ? 496 LEU A CD2 1 
ATOM   309 N N   . MET A 1 40 ? -0.43528  1.84381   -7.75467  1.000 22.17016 ? 497 MET A N   1 
ATOM   310 C CA  . MET A 1 40 ? -0.05544  0.43782   -7.66866  1.000 23.84539 ? 497 MET A CA  1 
ATOM   311 C C   . MET A 1 40 ? -1.16069  -0.46232  -8.19567  1.000 25.09499 ? 497 MET A C   1 
ATOM   312 O O   . MET A 1 40 ? -2.34625  -0.20316  -7.97202  1.000 23.46340 ? 497 MET A O   1 
ATOM   313 C CB  . MET A 1 40 ? 0.23859   0.05664   -6.21959  1.000 22.15587 ? 497 MET A CB  1 
ATOM   314 C CG  . MET A 1 40 ? 1.45468   0.71728   -5.64180  1.000 25.74931 ? 497 MET A CG  1 
ATOM   315 S SD  . MET A 1 40 ? 1.83189   0.05777   -4.00774  1.000 29.27292 ? 497 MET A SD  1 
ATOM   316 C CE  . MET A 1 40 ? 2.60546   -1.49691  -4.44449  1.000 26.14568 ? 497 MET A CE  1 
ATOM   317 N N   . THR A 1 41 ? -0.77031  -1.53753  -8.87768  1.000 22.98093 ? 498 THR A N   1 
ATOM   318 C CA  . THR A 1 41 ? -1.70835  -2.59327  -9.22940  1.000 23.69279 ? 498 THR A CA  1 
ATOM   319 C C   . THR A 1 41 ? -1.57813  -3.74913  -8.24682  1.000 23.22073 ? 498 THR A C   1 
ATOM   320 O O   . THR A 1 41 ? -0.65176  -3.81235  -7.43712  1.000 25.27010 ? 498 THR A O   1 
ATOM   321 C CB  . THR A 1 41 ? -1.47037  -3.11747  -10.64575 1.000 24.52350 ? 498 THR A CB  1 
ATOM   322 O OG1 . THR A 1 41 ? -0.21127  -3.79607  -10.67490 1.000 24.64871 ? 498 THR A OG1 1 
ATOM   323 C CG2 . THR A 1 41 ? -1.48334  -1.97834  -11.66508 1.000 26.22870 ? 498 THR A CG2 1 
ATOM   324 N N   . GLN A 1 42 ? -2.50971  -4.69589  -8.35766  1.000 23.28748 ? 499 GLN A N   1 
ATOM   325 C CA  . GLN A 1 42 ? -2.43268  -5.89115  -7.52767  1.000 25.20408 ? 499 GLN A CA  1 
ATOM   326 C C   . GLN A 1 42 ? -1.18262  -6.69262  -7.84957  1.000 22.58778 ? 499 GLN A C   1 
ATOM   327 O O   . GLN A 1 42 ? -0.49327  -7.16958  -6.94308  1.000 23.40882 ? 499 GLN A O   1 
ATOM   328 C CB  . GLN A 1 42 ? -3.67990  -6.75475  -7.71135  1.000 23.51900 ? 499 GLN A CB  1 
ATOM   329 C CG  . GLN A 1 42 ? -3.66256  -8.00100  -6.84320  1.000 25.97661 ? 499 GLN A CG  1 
ATOM   330 C CD  . GLN A 1 42 ? -4.95355  -8.78789  -6.93440  1.000 30.03643 ? 499 GLN A CD  1 
ATOM   331 O OE1 . GLN A 1 42 ? -4.94115  -9.98553  -7.21225  1.000 31.76003 ? 499 GLN A OE1 1 
ATOM   332 N NE2 . GLN A 1 42 ? -6.07614  -8.11903  -6.69795  1.000 27.86320 ? 499 GLN A NE2 1 
ATOM   333 N N   . THR A 1 43 ? -0.86754  -6.84158  -9.13832  1.000 24.32491 ? 500 THR A N   1 
ATOM   334 C CA  . THR A 1 43 ? 0.33878   -7.56823  -9.52985  1.000 24.83475 ? 500 THR A CA  1 
ATOM   335 C C   . THR A 1 43 ? 1.59583   -6.90141  -8.98287  1.000 22.99369 ? 500 THR A C   1 
ATOM   336 O O   . THR A 1 43 ? 2.54562   -7.58840  -8.58095  1.000 24.43274 ? 500 THR A O   1 
ATOM   337 C CB  . THR A 1 43 ? 0.39820   -7.67781  -11.05015 1.000 26.41045 ? 500 THR A CB  1 
ATOM   338 O OG1 . THR A 1 43 ? -0.77347  -8.35785  -11.50915 1.000 32.15138 ? 500 THR A OG1 1 
ATOM   339 C CG2 . THR A 1 43 ? 1.61034   -8.46519  -11.48351 1.000 27.98212 ? 500 THR A CG2 1 
ATOM   340 N N   . ASP A 1 44 ? 1.62318   -5.56403  -8.95945  1.000 21.17134 ? 501 ASP A N   1 
ATOM   341 C CA  . ASP A 1 44 ? 2.72351   -4.85091  -8.31358  1.000 22.31964 ? 501 ASP A CA  1 
ATOM   342 C C   . ASP A 1 44 ? 2.91464   -5.34635  -6.88567  1.000 24.66915 ? 501 ASP A C   1 
ATOM   343 O O   . ASP A 1 44 ? 4.03797   -5.63979  -6.45682  1.000 22.99987 ? 501 ASP A O   1 
ATOM   344 C CB  . ASP A 1 44 ? 2.45490   -3.33805  -8.29578  1.000 22.74868 ? 501 ASP A CB  1 
ATOM   345 C CG  . ASP A 1 44 ? 2.56810   -2.68915  -9.66096  1.000 24.08217 ? 501 ASP A CG  1 
ATOM   346 O OD1 . ASP A 1 44 ? 3.32678   -3.19195  -10.51762 1.000 25.68443 ? 501 ASP A OD1 1 
ATOM   347 O OD2 . ASP A 1 44 ? 1.90949   -1.64418  -9.86318  1.000 25.79272 ? 501 ASP A OD2 1 
ATOM   348 N N   . ILE A 1 45 ? 1.81178   -5.44225  -6.13645  1.000 21.29610 ? 502 ILE A N   1 
ATOM   349 C CA  . ILE A 1 45 ? 1.87154   -5.82877  -4.72830  1.000 21.68764 ? 502 ILE A CA  1 
ATOM   350 C C   . ILE A 1 45 ? 2.25776   -7.29636  -4.58884  1.000 21.75266 ? 502 ILE A C   1 
ATOM   351 O O   . ILE A 1 45 ? 3.10587   -7.65421  -3.76656  1.000 23.09982 ? 502 ILE A O   1 
ATOM   352 C CB  . ILE A 1 45 ? 0.52240   -5.55079  -4.03800  1.000 19.82473 ? 502 ILE A CB  1 
ATOM   353 C CG1 . ILE A 1 45 ? 0.14997   -4.06065  -4.10644  1.000 21.54761 ? 502 ILE A CG1 1 
ATOM   354 C CG2 . ILE A 1 45 ? 0.54062   -6.05347  -2.58811  1.000 20.68626 ? 502 ILE A CG2 1 
ATOM   355 C CD1 . ILE A 1 45 ? -1.33102  -3.77884  -3.79484  1.000 21.78164 ? 502 ILE A CD1 1 
ATOM   356 N N   . VAL A 1 46 ? 1.62634   -8.16988  -5.37438  1.000 20.99577 ? 503 VAL A N   1 
ATOM   357 C CA  . VAL A 1 46 ? 1.83491   -9.60633  -5.20030  1.000 24.19105 ? 503 VAL A CA  1 
ATOM   358 C C   . VAL A 1 46 ? 3.20906   -10.01237 -5.70760  1.000 25.16771 ? 503 VAL A C   1 
ATOM   359 O O   . VAL A 1 46 ? 3.97167   -10.69446 -5.01150  1.000 25.69298 ? 503 VAL A O   1 
ATOM   360 C CB  . VAL A 1 46 ? 0.72481   -10.40187 -5.90917  1.000 26.50304 ? 503 VAL A CB  1 
ATOM   361 C CG1 . VAL A 1 46 ? 1.08277   -11.87749 -5.96150  1.000 28.33202 ? 503 VAL A CG1 1 
ATOM   362 C CG2 . VAL A 1 46 ? -0.59733  -10.20160 -5.20002  1.000 24.09731 ? 503 VAL A CG2 1 
ATOM   363 N N   . LYS A 1 47 ? 3.54801   -9.59463  -6.92359  1.000 26.15975 ? 504 LYS A N   1 
ATOM   364 C CA  . LYS A 1 47 ? 4.75250   -10.07842 -7.58471  1.000 25.45333 ? 504 LYS A CA  1 
ATOM   365 C C   . LYS A 1 47 ? 5.97163   -9.21590  -7.27000  1.000 26.18535 ? 504 LYS A C   1 
ATOM   366 O O   . LYS A 1 47 ? 7.00635   -9.72596  -6.82450  1.000 27.40022 ? 504 LYS A O   1 
ATOM   367 C CB  . LYS A 1 47 ? 4.51345   -10.14669 -9.09973  1.000 28.75842 ? 504 LYS A CB  1 
ATOM   368 C CG  . LYS A 1 47 ? 3.70819   -11.36326 -9.55542  1.000 30.72888 ? 504 LYS A CG  1 
ATOM   369 C CD  . LYS A 1 47 ? 2.21677   -11.15894 -9.34721  1.000 35.09509 ? 504 LYS A CD  1 
ATOM   370 C CE  . LYS A 1 47 ? 1.34964   -12.11550 -10.18014 1.000 40.19359 ? 504 LYS A CE  1 
ATOM   371 N NZ  . LYS A 1 47 ? -0.09995  -11.97395 -9.82765  1.000 37.77051 ? 504 LYS A NZ  1 
ATOM   372 N N   . ILE A 1 48 ? 5.87660   -7.90642  -7.48742  1.000 25.24510 ? 505 ILE A N   1 
ATOM   373 C CA  . ILE A 1 48 ? 7.05676   -7.06988  -7.30472  1.000 24.57333 ? 505 ILE A CA  1 
ATOM   374 C C   . ILE A 1 48 ? 7.39874   -6.92642  -5.82558  1.000 26.30638 ? 505 ILE A C   1 
ATOM   375 O O   . ILE A 1 48 ? 8.56966   -7.00959  -5.43362  1.000 24.60419 ? 505 ILE A O   1 
ATOM   376 C CB  . ILE A 1 48 ? 6.84561   -5.71436  -7.99987  1.000 24.51904 ? 505 ILE A CB  1 
ATOM   377 C CG1 . ILE A 1 48 ? 6.76468   -5.94627  -9.51378  1.000 26.37547 ? 505 ILE A CG1 1 
ATOM   378 C CG2 . ILE A 1 48 ? 7.97647   -4.76044  -7.67330  1.000 23.52156 ? 505 ILE A CG2 1 
ATOM   379 C CD1 . ILE A 1 48 ? 6.47582   -4.70970  -10.32229 1.000 28.43191 ? 505 ILE A CD1 1 
ATOM   380 N N   . MET A 1 49 ? 6.39803   -6.73994  -4.97548  1.000 26.19161 ? 506 MET A N   1 
ATOM   381 C CA  . MET A 1 49 ? 6.66310   -6.57588  -3.55227  1.000 26.31571 ? 506 MET A CA  1 
ATOM   382 C C   . MET A 1 49 ? 6.67686   -7.89098  -2.78496  1.000 25.18735 ? 506 MET A C   1 
ATOM   383 O O   . MET A 1 49 ? 6.95577   -7.88025  -1.58075  1.000 26.32683 ? 506 MET A O   1 
ATOM   384 C CB  . MET A 1 49 ? 5.63194   -5.63816  -2.94127  1.000 24.48943 ? 506 MET A CB  1 
ATOM   385 C CG  . MET A 1 49 ? 5.69885   -4.26536  -3.54658  1.000 29.82055 ? 506 MET A CG  1 
ATOM   386 S SD  . MET A 1 49 ? 5.17277   -3.06926  -2.35132  1.000 49.49691 ? 506 MET A SD  1 
ATOM   387 C CE  . MET A 1 49 ? 6.65429   -2.16265  -2.08274  1.000 29.41829 ? 506 MET A CE  1 
ATOM   388 N N   . SER A 1 50 ? 6.38285   -9.00869  -3.44986  1.000 26.11770 ? 507 SER A N   1 
ATOM   389 C CA  . SER A 1 50 ? 6.43737   -10.34280 -2.84945  1.000 24.66089 ? 507 SER A CA  1 
ATOM   390 C C   . SER A 1 50 ? 5.52559   -10.44618 -1.62873  1.000 26.39208 ? 507 SER A C   1 
ATOM   391 O O   . SER A 1 50 ? 5.92217   -10.95028 -0.57825  1.000 27.24393 ? 507 SER A O   1 
ATOM   392 C CB  . SER A 1 50 ? 7.87522   -10.72318 -2.48242  1.000 28.31852 ? 507 SER A CB  1 
ATOM   393 O OG  . SER A 1 50 ? 8.71917   -10.65129 -3.61559  1.000 35.83542 ? 507 SER A OG  1 
ATOM   394 N N   . ILE A 1 51 ? 4.28598   -9.97685  -1.77333  1.000 21.74429 ? 508 ILE A N   1 
ATOM   395 C CA  . ILE A 1 51 ? 3.30755   -10.00573 -0.68938  1.000 22.75025 ? 508 ILE A CA  1 
ATOM   396 C C   . ILE A 1 51 ? 2.25176   -11.05837 -1.00125  1.000 21.81925 ? 508 ILE A C   1 
ATOM   397 O O   . ILE A 1 51 ? 1.79800   -11.17365 -2.14529  1.000 21.46352 ? 508 ILE A O   1 
ATOM   398 C CB  . ILE A 1 51 ? 2.68293   -8.61071  -0.47911  1.000 21.70283 ? 508 ILE A CB  1 
ATOM   399 C CG1 . ILE A 1 51 ? 3.73496   -7.66456  0.11317   1.000 21.95081 ? 508 ILE A CG1 1 
ATOM   400 C CG2 . ILE A 1 51 ? 1.45046   -8.68045  0.40916   1.000 21.94903 ? 508 ILE A CG2 1 
ATOM   401 C CD1 . ILE A 1 51 ? 3.29544   -6.22219  0.18635   1.000 23.74798 ? 508 ILE A CD1 1 
ATOM   402 N N   . LYS A 1 52 ? 1.86530   -11.83343 0.01170   1.000 18.92710 ? 509 LYS A N   1 
ATOM   403 C CA  . LYS A 1 52 ? 0.88696   -12.89603 -0.20314  1.000 21.53484 ? 509 LYS A CA  1 
ATOM   404 C C   . LYS A 1 52 ? -0.48646  -12.32427 -0.55673  1.000 20.68307 ? 509 LYS A C   1 
ATOM   405 O O   . LYS A 1 52 ? -0.78724  -11.15954 -0.30300  1.000 20.32431 ? 509 LYS A O   1 
ATOM   406 C CB  . LYS A 1 52 ? 0.78473   -13.78243 1.03031   1.000 20.35432 ? 509 LYS A CB  1 
ATOM   407 C CG  . LYS A 1 52 ? 2.09306   -14.44640 1.35266   1.000 22.18786 ? 509 LYS A CG  1 
ATOM   408 C CD  . LYS A 1 52 ? 1.86851   -15.81005 1.87864   1.000 25.20494 ? 509 LYS A CD  1 
ATOM   409 C CE  . LYS A 1 52 ? 2.32763   -15.91085 3.29303   1.000 28.13493 ? 509 LYS A CE  1 
ATOM   410 N NZ  . LYS A 1 52 ? 3.16465   -17.14131 3.50430   1.000 22.61728 ? 509 LYS A NZ  1 
ATOM   411 N N   . LEU A 1 53 ? -1.32925  -13.18071 -1.14639  1.000 21.52043 ? 510 LEU A N   1 
ATOM   412 C CA  . LEU A 1 53 ? -2.59480  -12.72368 -1.72121  1.000 20.28246 ? 510 LEU A CA  1 
ATOM   413 C C   . LEU A 1 53 ? -3.50517  -12.09671 -0.67322  1.000 21.20617 ? 510 LEU A C   1 
ATOM   414 O O   . LEU A 1 53 ? -4.17316  -11.09416 -0.94147  1.000 18.37891 ? 510 LEU A O   1 
ATOM   415 C CB  . LEU A 1 53 ? -3.30887  -13.89073 -2.39932  1.000 20.65948 ? 510 LEU A CB  1 
ATOM   416 C CG  . LEU A 1 53 ? -4.59617  -13.52465 -3.14080  1.000 21.52125 ? 510 LEU A CG  1 
ATOM   417 C CD1 . LEU A 1 53 ? -4.33655  -12.39400 -4.12256  1.000 21.99869 ? 510 LEU A CD1 1 
ATOM   418 C CD2 . LEU A 1 53 ? -5.17226  -14.73713 -3.85556  1.000 20.50065 ? 510 LEU A CD2 1 
ATOM   419 N N   . GLY A 1 54 ? -3.56618  -12.68740 0.51339   1.000 19.89654 ? 511 GLY A N   1 
ATOM   420 C CA  . GLY A 1 54 ? -4.39112  -12.17780 1.58066   1.000 21.66319 ? 511 GLY A CA  1 
ATOM   421 C C   . GLY A 1 54 ? -4.10998  -10.72516 1.89134   1.000 20.90333 ? 511 GLY A C   1 
ATOM   422 O O   . GLY A 1 54 ? -4.96410  -9.85707  1.70819   1.000 20.56034 ? 511 GLY A O   1 
ATOM   423 N N   . PRO A 1 55 ? -2.90584  -10.42767 2.38357   1.000 21.73633 ? 512 PRO A N   1 
ATOM   424 C CA  . PRO A 1 55 ? -2.57155  -9.02214  2.64499   1.000 20.73209 ? 512 PRO A CA  1 
ATOM   425 C C   . PRO A 1 55 ? -2.59374  -8.17814  1.38972   1.000 21.39989 ? 512 PRO A C   1 
ATOM   426 O O   . PRO A 1 55 ? -3.00247  -7.01304  1.44629   1.000 20.38712 ? 512 PRO A O   1 
ATOM   427 C CB  . PRO A 1 55 ? -1.16684  -9.09545  3.26662   1.000 22.62291 ? 512 PRO A CB  1 
ATOM   428 C CG  . PRO A 1 55 ? -0.63756  -10.45846 2.91051   1.000 22.55221 ? 512 PRO A CG  1 
ATOM   429 C CD  . PRO A 1 55 ? -1.84773  -11.34791 2.83632   1.000 22.39322 ? 512 PRO A CD  1 
ATOM   430 N N   . ALA A 1 56 ? -2.18871  -8.73963  0.24857   1.000 20.90539 ? 513 ALA A N   1 
ATOM   431 C CA  . ALA A 1 56 ? -2.24402  -7.98384  -0.99462  1.000 21.93504 ? 513 ALA A CA  1 
ATOM   432 C C   . ALA A 1 56 ? -3.67023  -7.53838  -1.30145  1.000 21.96640 ? 513 ALA A C   1 
ATOM   433 O O   . ALA A 1 56 ? -3.89134  -6.41447  -1.76824  1.000 19.93715 ? 513 ALA A O   1 
ATOM   434 C CB  . ALA A 1 56 ? -1.68457  -8.82128  -2.14292  1.000 21.28080 ? 513 ALA A CB  1 
ATOM   435 N N   . LEU A 1 57 ? -4.65478  -8.40243  -1.03805  1.000 21.88358 ? 514 LEU A N   1 
ATOM   436 C CA  . LEU A 1 57 ? -6.03712  -8.04116  -1.33386  1.000 22.49005 ? 514 LEU A CA  1 
ATOM   437 C C   . LEU A 1 57 ? -6.51355  -6.90118  -0.44682  1.000 21.13085 ? 514 LEU A C   1 
ATOM   438 O O   . LEU A 1 57 ? -7.24018  -6.01387  -0.90633  1.000 21.81875 ? 514 LEU A O   1 
ATOM   439 C CB  . LEU A 1 57 ? -6.94831  -9.25586  -1.17101  1.000 22.99011 ? 514 LEU A CB  1 
ATOM   440 C CG  . LEU A 1 57 ? -6.92846  -10.23707 -2.34292  1.000 21.63893 ? 514 LEU A CG  1 
ATOM   441 C CD1 . LEU A 1 57 ? -7.58048  -11.54890 -1.96283  1.000 20.28102 ? 514 LEU A CD1 1 
ATOM   442 C CD2 . LEU A 1 57 ? -7.61048  -9.60616  -3.55854  1.000 22.74868 ? 514 LEU A CD2 1 
ATOM   443 N N   . LYS A 1 58 ? -6.12122  -6.90805  0.82659   1.000 21.16936 ? 515 LYS A N   1 
ATOM   444 C CA  . LYS A 1 58 ? -6.51038  -5.81569  1.71368   1.000 22.95759 ? 515 LYS A CA  1 
ATOM   445 C C   . LYS A 1 58 ? -5.85499  -4.51166  1.29218   1.000 23.48610 ? 515 LYS A C   1 
ATOM   446 O O   . LYS A 1 58 ? -6.49792  -3.45159  1.29837   1.000 22.46640 ? 515 LYS A O   1 
ATOM   447 C CB  . LYS A 1 58 ? -6.13578  -6.14781  3.15515   1.000 23.35162 ? 515 LYS A CB  1 
ATOM   448 C CG  . LYS A 1 58 ? -6.77834  -7.42109  3.67615   1.000 24.11596 ? 515 LYS A CG  1 
ATOM   449 C CD  . LYS A 1 58 ? -5.99992  -7.97374  4.86037   1.000 23.92165 ? 515 LYS A CD  1 
ATOM   450 C CE  . LYS A 1 58 ? -6.85584  -8.92116  5.67873   1.000 26.44708 ? 515 LYS A CE  1 
ATOM   451 N NZ  . LYS A 1 58 ? -6.04587  -9.62570  6.70823   1.000 26.13591 ? 515 LYS A NZ  1 
ATOM   452 N N   . ILE A 1 59 ? -4.57273  -4.57430  0.93572   1.000 20.41920 ? 516 ILE A N   1 
ATOM   453 C CA  . ILE A 1 59 ? -3.85418  -3.38995  0.48110   1.000 19.97098 ? 516 ILE A CA  1 
ATOM   454 C C   . ILE A 1 59 ? -4.47478  -2.85478  -0.79853  1.000 22.53778 ? 516 ILE A C   1 
ATOM   455 O O   . ILE A 1 59 ? -4.75085  -1.65601  -0.92597  1.000 20.76848 ? 516 ILE A O   1 
ATOM   456 C CB  . ILE A 1 59 ? -2.36613  -3.71861  0.27619   1.000 22.28509 ? 516 ILE A CB  1 
ATOM   457 C CG1 . ILE A 1 59 ? -1.72917  -4.12545  1.60720   1.000 22.74580 ? 516 ILE A CG1 1 
ATOM   458 C CG2 . ILE A 1 59 ? -1.64763  -2.51829  -0.33021  1.000 22.98259 ? 516 ILE A CG2 1 
ATOM   459 C CD1 . ILE A 1 59 ? -0.38461  -4.85584  1.44804   1.000 23.75577 ? 516 ILE A CD1 1 
ATOM   460 N N   . PHE A 1 60 ? -4.68634  -3.73659  -1.77884  1.000 19.71475 ? 517 PHE A N   1 
ATOM   461 C CA  . PHE A 1 60 ? -5.16047  -3.26644  -3.07209  1.000 20.65045 ? 517 PHE A CA  1 
ATOM   462 C C   . PHE A 1 60 ? -6.57047  -2.70977  -2.94961  1.000 21.79359 ? 517 PHE A C   1 
ATOM   463 O O   . PHE A 1 60 ? -6.87553  -1.65721  -3.51792  1.000 21.14366 ? 517 PHE A O   1 
ATOM   464 C CB  . PHE A 1 60 ? -5.09553  -4.39729  -4.10016  1.000 20.68057 ? 517 PHE A CB  1 
ATOM   465 C CG  . PHE A 1 60 ? -5.51267  -3.98318  -5.48991  1.000 22.44350 ? 517 PHE A CG  1 
ATOM   466 C CD1 . PHE A 1 60 ? -4.86544  -2.94830  -6.14378  1.000 23.84074 ? 517 PHE A CD1 1 
ATOM   467 C CD2 . PHE A 1 60 ? -6.53686  -4.64037  -6.14345  1.000 22.39008 ? 517 PHE A CD2 1 
ATOM   468 C CE1 . PHE A 1 60 ? -5.24616  -2.56924  -7.42874  1.000 25.84371 ? 517 PHE A CE1 1 
ATOM   469 C CE2 . PHE A 1 60 ? -6.92155  -4.26514  -7.42323  1.000 25.21209 ? 517 PHE A CE2 1 
ATOM   470 C CZ  . PHE A 1 60 ? -6.27809  -3.23178  -8.06325  1.000 23.90057 ? 517 PHE A CZ  1 
ATOM   471 N N   . ASN A 1 61 ? -7.42719  -3.37767  -2.17332  1.000 20.70617 ? 518 ASN A N   1 
ATOM   472 C CA  . ASN A 1 61 ? -8.77760  -2.86180  -1.95582  1.000 22.82643 ? 518 ASN A CA  1 
ATOM   473 C C   . ASN A 1 61 ? -8.74371  -1.47004  -1.34224  1.000 22.83948 ? 518 ASN A C   1 
ATOM   474 O O   . ASN A 1 61 ? -9.55124  -0.60653  -1.70033  1.000 24.38810 ? 518 ASN A O   1 
ATOM   475 C CB  . ASN A 1 61 ? -9.57305  -3.81313  -1.06579  1.000 24.45758 ? 518 ASN A CB  1 
ATOM   476 C CG  . ASN A 1 61 ? -10.95897 -3.27050  -0.72190  1.000 29.50679 ? 518 ASN A CG  1 
ATOM   477 O OD1 . ASN A 1 61 ? -11.82214 -3.15996  -1.58923  1.000 30.32581 ? 518 ASN A OD1 1 
ATOM   478 N ND2 . ASN A 1 61 ? -11.16980 -2.92899  0.54951   1.000 28.93615 ? 518 ASN A ND2 1 
ATOM   479 N N   . SER A 1 62 ? -7.80067  -1.22294  -0.43151  1.000 23.87609 ? 519 SER A N   1 
ATOM   480 C CA  . SER A 1 62 ? -7.65937  0.11860   0.12222   1.000 24.78338 ? 519 SER A CA  1 
ATOM   481 C C   . SER A 1 62 ? -7.27560  1.12657   -0.96025  1.000 24.61847 ? 519 SER A C   1 
ATOM   482 O O   . SER A 1 62 ? -7.85461  2.21421   -1.03556  1.000 23.16084 ? 519 SER A O   1 
ATOM   483 C CB  . SER A 1 62 ? -6.64595  0.10703   1.26376   1.000 25.31667 ? 519 SER A CB  1 
ATOM   484 O OG  . SER A 1 62 ? -7.23723  -0.47561  2.42072   1.000 27.04420 ? 519 SER A OG  1 
ATOM   485 N N   . ILE A 1 63 ? -6.30715  0.77830   -1.81733  1.000 23.04688 ? 520 ILE A N   1 
ATOM   486 C CA  . ILE A 1 63 ? -5.97189  1.64070   -2.95469  1.000 23.10665 ? 520 ILE A CA  1 
ATOM   487 C C   . ILE A 1 63 ? -7.22845  1.97470   -3.75731  1.000 24.96009 ? 520 ILE A C   1 
ATOM   488 O O   . ILE A 1 63 ? -7.50859  3.14115   -4.05416  1.000 23.41821 ? 520 ILE A O   1 
ATOM   489 C CB  . ILE A 1 63 ? -4.90655  0.97104   -3.84135  1.000 24.97731 ? 520 ILE A CB  1 
ATOM   490 C CG1 . ILE A 1 63 ? -3.54451  0.98068   -3.14117  1.000 25.14572 ? 520 ILE A CG1 1 
ATOM   491 C CG2 . ILE A 1 63 ? -4.81646  1.66706   -5.20313  1.000 23.21518 ? 520 ILE A CG2 1 
ATOM   492 C CD1 . ILE A 1 63 ? -2.55113  -0.02184  -3.71586  1.000 25.74555 ? 520 ILE A CD1 1 
ATOM   493 N N   . LEU A 1 64 ? -8.01524  0.94951   -4.10163  1.000 21.86517 ? 521 LEU A N   1 
ATOM   494 C CA  . LEU A 1 64 ? -9.19150  1.16805   -4.93625  1.000 23.23202 ? 521 LEU A CA  1 
ATOM   495 C C   . LEU A 1 64 ? -10.18493 2.10283   -4.26294  1.000 22.30143 ? 521 LEU A C   1 
ATOM   496 O O   . LEU A 1 64 ? -10.77412 2.96766   -4.91780  1.000 23.61926 ? 521 LEU A O   1 
ATOM   497 C CB  . LEU A 1 64 ? -9.85254  -0.16751  -5.26980  1.000 23.75816 ? 521 LEU A CB  1 
ATOM   498 C CG  . LEU A 1 64 ? -9.04575  -1.03779  -6.22645  1.000 21.49205 ? 521 LEU A CG  1 
ATOM   499 C CD1 . LEU A 1 64 ? -9.72932  -2.34967  -6.44809  1.000 24.41181 ? 521 LEU A CD1 1 
ATOM   500 C CD2 . LEU A 1 64 ? -8.84194  -0.30951  -7.53725  1.000 24.54222 ? 521 LEU A CD2 1 
ATOM   501 N N   . MET A 1 65 ? -10.38535 1.94539   -2.95639  1.000 22.45874 ? 522 MET A N   1 
ATOM   502 C CA  . MET A 1 65 ? -11.30269 2.83279   -2.24906  1.000 24.28241 ? 522 MET A CA  1 
ATOM   503 C C   . MET A 1 65 ? -10.77372 4.25729   -2.21384  1.000 24.97910 ? 522 MET A C   1 
ATOM   504 O O   . MET A 1 65 ? -11.53994 5.21856   -2.35824  1.000 23.91138 ? 522 MET A O   1 
ATOM   505 C CB  . MET A 1 65 ? -11.53714 2.32356   -0.83205  1.000 24.73654 ? 522 MET A CB  1 
ATOM   506 C CG  . MET A 1 65 ? -12.39803 1.08763   -0.78095  1.000 30.03885 ? 522 MET A CG  1 
ATOM   507 S SD  . MET A 1 65 ? -12.68539 0.51404   0.90120   1.000 42.25084 ? 522 MET A SD  1 
ATOM   508 C CE  . MET A 1 65 ? -11.03409 0.54521   1.59991   1.000 32.91823 ? 522 MET A CE  1 
ATOM   509 N N   . PHE A 1 66 ? -9.46552  4.41510   -2.02831  1.000 22.55676 ? 523 PHE A N   1 
ATOM   510 C CA  . PHE A 1 66 ? -8.91209  5.75765   -1.91808  1.000 23.56018 ? 523 PHE A CA  1 
ATOM   511 C C   . PHE A 1 66 ? -8.93808  6.46645   -3.26544  1.000 22.90419 ? 523 PHE A C   1 
ATOM   512 O O   . PHE A 1 66 ? -9.18731  7.67607   -3.33055  1.000 23.48116 ? 523 PHE A O   1 
ATOM   513 C CB  . PHE A 1 66 ? -7.49392  5.69941   -1.34767  1.000 21.49235 ? 523 PHE A CB  1 
ATOM   514 C CG  . PHE A 1 66 ? -7.40635  5.05412   0.01471   1.000 23.66426 ? 523 PHE A CG  1 
ATOM   515 C CD1 . PHE A 1 66 ? -8.54454  4.86433   0.79254   1.000 23.64625 ? 523 PHE A CD1 1 
ATOM   516 C CD2 . PHE A 1 66 ? -6.18151  4.64633   0.52198   1.000 24.39184 ? 523 PHE A CD2 1 
ATOM   517 C CE1 . PHE A 1 66 ? -8.46189  4.26287   2.04002   1.000 26.57245 ? 523 PHE A CE1 1 
ATOM   518 C CE2 . PHE A 1 66 ? -6.08883  4.05900   1.77153   1.000 23.52907 ? 523 PHE A CE2 1 
ATOM   519 C CZ  . PHE A 1 66 ? -7.23216  3.87190   2.53541   1.000 26.11923 ? 523 PHE A CZ  1 
ATOM   520 N N   . LYS A 1 67 ? -8.69814  5.72843   -4.35285  1.000 24.56878 ? 524 LYS A N   1 
ATOM   521 C CA  . LYS A 1 67 ? -8.87435  6.29954   -5.68621  1.000 25.17175 ? 524 LYS A CA  1 
ATOM   522 C C   . LYS A 1 67 ? -10.32836 6.67682   -5.93228  1.000 26.58440 ? 524 LYS A C   1 
ATOM   523 O O   . LYS A 1 67 ? -10.61334 7.73782   -6.49681  1.000 24.64191 ? 524 LYS A O   1 
ATOM   524 C CB  . LYS A 1 67 ? -8.39735  5.31577   -6.75952  1.000 25.80774 ? 524 LYS A CB  1 
ATOM   525 C CG  . LYS A 1 67 ? -6.89044  5.22590   -6.91979  1.000 28.52538 ? 524 LYS A CG  1 
ATOM   526 C CD  . LYS A 1 67 ? -6.51366  4.19238   -7.98127  1.000 30.12789 ? 524 LYS A CD  1 
ATOM   527 C CE  . LYS A 1 67 ? -6.68967  4.75212   -9.38309  1.000 31.62985 ? 524 LYS A CE  1 
ATOM   528 N NZ  . LYS A 1 67 ? -5.54085  5.62278   -9.76263  1.000 41.40726 ? 524 LYS A NZ  1 
ATOM   529 N N   . ALA A 1 68 ? -11.26449 5.81834   -5.51518  1.000 25.98958 ? 525 ALA A N   1 
ATOM   530 C CA  . ALA A 1 68 ? -12.68508 6.10498   -5.69590  1.000 24.04870 ? 525 ALA A CA  1 
ATOM   531 C C   . ALA A 1 68 ? -13.13409 7.32719   -4.91278  1.000 26.89032 ? 525 ALA A C   1 
ATOM   532 O O   . ALA A 1 68 ? -14.20817 7.87611   -5.19640  1.000 26.36133 ? 525 ALA A O   1 
ATOM   533 C CB  . ALA A 1 68 ? -13.51739 4.89512   -5.27647  1.000 22.59997 ? 525 ALA A CB  1 
ATOM   534 N N   . ALA A 1 69 ? -12.34858 7.76232   -3.92693  1.000 25.59371 ? 526 ALA A N   1 
ATOM   535 C CA  . ALA A 1 69 ? -12.71523 8.94006   -3.14959  1.000 24.30682 ? 526 ALA A CA  1 
ATOM   536 C C   . ALA A 1 69 ? -12.32094 10.23350  -3.84408  1.000 25.71463 ? 526 ALA A C   1 
ATOM   537 O O   . ALA A 1 69 ? -12.79367 11.30616  -3.45287  1.000 26.88244 ? 526 ALA A O   1 
ATOM   538 C CB  . ALA A 1 69 ? -12.06848 8.87967   -1.76514  1.000 24.69803 ? 526 ALA A CB  1 
ATOM   539 N N   . GLU A 1 70 ? -11.48652 10.15295  -4.87227  1.000 24.62498 ? 527 GLU A N   1 
ATOM   540 C CA  . GLU A 1 70 ? -11.00442 11.33540  -5.56880  1.000 25.96503 ? 527 GLU A CA  1 
ATOM   541 C C   . GLU A 1 70 ? -12.04183 11.88831  -6.53219  1.000 28.31279 ? 527 GLU A C   1 
ATOM   542 O O   . GLU A 1 70 ? -11.86860 13.01005  -7.01112  1.000 28.32645 ? 527 GLU A O   1 
ATOM   543 C CB  . GLU A 1 70 ? -9.70445  11.00941  -6.31155  1.000 26.23847 ? 527 GLU A CB  1 
ATOM   544 C CG  . GLU A 1 70 ? -8.65452  10.47578  -5.39335  1.000 23.18277 ? 527 GLU A CG  1 
ATOM   545 C CD  . GLU A 1 70 ? -7.27666  10.50442  -6.00526  1.000 30.83803 ? 527 GLU A CD  1 
ATOM   546 O OE1 . GLU A 1 70 ? -7.11798  9.99109   -7.13799  1.000 30.33093 ? 527 GLU A OE1 1 
ATOM   547 O OE2 . GLU A 1 70 ? -6.35510  11.02782  -5.34572  1.000 28.90448 ? 527 GLU A OE2 1 
ATOM   548 O OXT . GLU A 1 70 ? -13.05677 11.24401  -6.84457  1.000 25.81484 ? 527 GLU A OXT 1 
HETATM 549 O O   . HOH B 2 .  ? 5.53079   11.85785  7.01232   1.000 31.60802 ? 601 HOH A O   1 
HETATM 550 O O   . HOH B 2 .  ? -3.42723  -7.11468  12.86660  1.000 27.26529 ? 602 HOH A O   1 
HETATM 551 O O   . HOH B 2 .  ? 12.85833  4.39600   2.01250   1.000 25.41485 ? 603 HOH A O   1 
HETATM 552 O O   . HOH B 2 .  ? 2.08545   -0.98532  -12.27850 1.000 22.85620 ? 604 HOH A O   1 
HETATM 553 O O   . HOH B 2 .  ? -6.12028  11.22398  -2.84901  1.000 26.06555 ? 605 HOH A O   1 
HETATM 554 O O   . HOH B 2 .  ? 12.33084  -4.43788  1.91159   1.000 31.23659 ? 606 HOH A O   1 
HETATM 555 O O   . HOH B 2 .  ? -15.02647 10.34421  -5.49200  1.000 29.32491 ? 607 HOH A O   1 
HETATM 556 O O   . HOH B 2 .  ? 1.83457   14.41105  4.62324   1.000 33.13002 ? 608 HOH A O   1 
HETATM 557 O O   . HOH B 2 .  ? -11.32247 -4.58804  -3.67586  1.000 29.63712 ? 609 HOH A O   1 
HETATM 558 O O   . HOH B 2 .  ? 7.02215   -10.11798 4.22635   1.000 21.13922 ? 610 HOH A O   1 
HETATM 559 O O   . HOH B 2 .  ? 13.05410  8.43918   5.78662   1.000 33.12551 ? 611 HOH A O   1 
HETATM 560 O O   . HOH B 2 .  ? 3.24403   -5.30294  -12.05133 1.000 29.61998 ? 612 HOH A O   1 
HETATM 561 O O   . HOH B 2 .  ? 0.92473   -4.22499  -12.98720 1.000 35.26084 ? 613 HOH A O   1 
HETATM 562 O O   . HOH B 2 .  ? 14.77757  6.57428   -5.58647  1.000 23.71798 ? 614 HOH A O   1 
HETATM 563 O O   . HOH B 2 .  ? -8.73336  -2.92724  2.66336   1.000 29.89645 ? 615 HOH A O   1 
HETATM 564 O O   . HOH B 2 .  ? -11.11497 2.70394   -7.56935  1.000 28.62609 ? 616 HOH A O   1 
HETATM 565 O O   . HOH B 2 .  ? 3.58310   -13.38284 8.56418   1.000 24.55106 ? 617 HOH A O   1 
HETATM 566 O O   . HOH B 2 .  ? -14.05742 5.77899   -1.59024  1.000 27.31685 ? 618 HOH A O   1 
HETATM 567 O O   . HOH B 2 .  ? -1.93972  -10.20129 -8.91000  1.000 32.51874 ? 619 HOH A O   1 
HETATM 568 O O   . HOH B 2 .  ? 7.50666   10.89844  1.27062   1.000 23.81159 ? 620 HOH A O   1 
HETATM 569 O O   . HOH B 2 .  ? 5.66846   -11.15858 2.13119   1.000 25.26655 ? 621 HOH A O   1 
HETATM 570 O O   . HOH B 2 .  ? -5.06931  8.71306   -8.41332  1.000 38.98908 ? 622 HOH A O   1 
HETATM 571 O O   . HOH B 2 .  ? -2.53707  -3.92041  12.09448  1.000 29.63030 ? 623 HOH A O   1 
HETATM 572 O O   . HOH B 2 .  ? 8.36483   -5.63401  4.73796   1.000 23.20720 ? 624 HOH A O   1 
HETATM 573 O O   . HOH B 2 .  ? 6.00554   3.63580   2.32904   1.000 23.44229 ? 625 HOH A O   1 
HETATM 574 O O   . HOH B 2 .  ? -4.53518  10.73633  -7.72462  1.000 32.86300 ? 626 HOH A O   1 
HETATM 575 O O   . HOH B 2 .  ? -2.46047  -6.18094  -11.68534 1.000 28.14618 ? 627 HOH A O   1 
HETATM 576 O O   . HOH B 2 .  ? -4.28924  -11.33577 5.43031   1.000 25.86898 ? 628 HOH A O   1 
HETATM 577 O O   . HOH B 2 .  ? 4.55021   -2.94796  12.87227  1.000 35.93499 ? 629 HOH A O   1 
HETATM 578 O O   . HOH B 2 .  ? -1.98848  -11.25150 6.59865   1.000 27.99565 ? 630 HOH A O   1 
HETATM 579 O O   . HOH B 2 .  ? -1.07650  8.93647   -8.18638  1.000 25.51209 ? 631 HOH A O   1 
HETATM 580 O O   . HOH B 2 .  ? 0.51708   1.69407   -12.65457 1.000 30.24053 ? 632 HOH A O   1 
HETATM 581 O O   . HOH B 2 .  ? 8.07706   -8.47412  0.93511   1.000 26.37497 ? 633 HOH A O   1 
HETATM 582 O O   . HOH B 2 .  ? -6.47299  1.92409   9.43181   1.000 34.53293 ? 634 HOH A O   1 
HETATM 583 O O   . HOH B 2 .  ? 2.68587   11.56570  -2.06240  1.000 25.78602 ? 635 HOH A O   1 
HETATM 584 O O   . HOH B 2 .  ? 0.43564   2.10547   12.10694  1.000 39.37084 ? 636 HOH A O   1 
HETATM 585 O O   . HOH B 2 .  ? 15.06740  4.45596   0.25583   1.000 24.24811 ? 637 HOH A O   1 
HETATM 586 O O   . HOH B 2 .  ? -1.07872  7.41300   7.53770   1.000 25.17332 ? 638 HOH A O   1 
HETATM 587 O O   . HOH B 2 .  ? 2.05774   -9.08465  8.81782   1.000 25.00126 ? 639 HOH A O   1 
HETATM 588 O O   . HOH B 2 .  ? -3.96054  2.01888   -9.27879  1.000 30.87038 ? 640 HOH A O   1 
HETATM 589 O O   . HOH B 2 .  ? 3.62312   -13.14830 -3.52546  1.000 33.00900 ? 641 HOH A O   1 
HETATM 590 O O   . HOH B 2 .  ? 4.34630   12.86876  -4.21630  1.000 35.80911 ? 642 HOH A O   1 
HETATM 591 O O   . HOH B 2 .  ? 7.42876   -3.38183  8.77870   1.000 34.96084 ? 643 HOH A O   1 
HETATM 592 O O   . HOH B 2 .  ? 7.03427   -7.48344  3.24779   1.000 23.11920 ? 644 HOH A O   1 
HETATM 593 O O   . HOH B 2 .  ? -4.69416  -4.66694  -10.34661 1.000 22.45096 ? 645 HOH A O   1 
HETATM 594 O O   . HOH B 2 .  ? -13.20455 9.03048   -8.88938  1.000 39.20123 ? 646 HOH A O   1 
HETATM 595 O O   . HOH B 2 .  ? -15.70316 11.21287  -2.56741  1.000 30.19541 ? 647 HOH A O   1 
HETATM 596 O O   . HOH B 2 .  ? 8.40056   10.16232  4.98107   1.000 27.44013 ? 648 HOH A O   1 
HETATM 597 O O   . HOH B 2 .  ? 3.13474   -11.77323 2.86795   1.000 25.12309 ? 649 HOH A O   1 
HETATM 598 O O   . HOH B 2 .  ? -12.28248 -4.77914  3.28436   1.000 33.71437 ? 650 HOH A O   1 
HETATM 599 O O   . HOH B 2 .  ? 14.27419  3.23129   4.18509   1.000 32.38414 ? 651 HOH A O   1 
HETATM 600 O O   . HOH B 2 .  ? 3.98759   14.90514  5.82713   1.000 37.33457 ? 652 HOH A O   1 
HETATM 601 O O   . HOH B 2 .  ? 11.13038  -6.13699  4.31161   1.000 27.43099 ? 653 HOH A O   1 
HETATM 602 O O   . HOH B 2 .  ? -2.86844  10.83004  8.01293   1.000 31.41294 ? 654 HOH A O   1 
HETATM 603 O O   . HOH B 2 .  ? -5.27415  -2.16958  -11.17042 1.000 34.68536 ? 655 HOH A O   1 
# 
